data_8HDO
#
_entry.id   8HDO
#
_cell.length_a   1.00
_cell.length_b   1.00
_cell.length_c   1.00
_cell.angle_alpha   90.00
_cell.angle_beta   90.00
_cell.angle_gamma   90.00
#
_symmetry.space_group_name_H-M   'P 1'
#
loop_
_entity.id
_entity.type
_entity.pdbx_description
1 polymer 'Chimeric miniGs'
2 polymer 'Guanine nucleotide-binding protein G(I)/G(S)/G(T) subunit beta-1'
3 polymer 'Guanine nucleotide-binding protein G(I)/G(S)/G(O) subunit gamma-2'
4 polymer 'Nanobody 35'
5 polymer 'Adenosine A2b receptor'
6 non-polymer CHOLESTEROL
7 non-polymer 2-[6-azanyl-3,5-dicyano-4-[4-(cyclopropylmethoxy)phenyl]pyridin-2-yl]sulfanylethanamide
#
loop_
_entity_poly.entity_id
_entity_poly.type
_entity_poly.pdbx_seq_one_letter_code
_entity_poly.pdbx_strand_id
1 'polypeptide(L)'
;MGCLGNSKTEDQRNEEKAQREANKMIEKQLQKDKQVYRATHRLLLLGADNSGKSTIVKQMRIYHVNSGIFETKFQVDKVN
FHMFDVGAQRDERRKWIQCFNDVTAIIFVVDSSDYNRLQEALNDFKSIWNNRWLRTISVILFLNKQDLLAEKVLAGKSKI
EDYFPEFARYTTPEDATPEPGEDPRVTRAKYFIRDEFLRISTASGDGRHYCYPHFTCSVDTENARRIFNDCRDIIQRMHL
RQYELL
;
A
2 'polypeptide(L)'
;MGSLLQSELDQLRQEAEQLKNQIRDARKACADATLSQITNNIDPVGRIQMRTRRTLRGHLAKIYAMHWGTDSRLLVSASQ
DGKLIIWDSYTTNKVHAIPLRSSWVMTCAYAPSGNYVACGGLDNICSIYNLKTREGNVRVSRELAGHTGYLSCCRFLDDN
QIVTSSGDTTCALWDIETGQQTTTFTGHTGDVMSLSLAPDTRLFVSGACDASAKLWDVREGMCRQTFTGHESDINAICFF
PNGNAFATGSDDATCRLFDLRADQELMTYSHDNIICGITSVSFSKSGRLLLAGYDDFNCNVWDALKADRAGVLAGHDNRV
SCLGVTDDGMAVATGSWDSFLKIWN
;
B
3 'polypeptide(L)' MASNNTASIAQARKLVEQLKMEANIDRIKVSKAAADLMAYCEAHAKEDPLLTPVPASENPFREKKFFCAIL G
4 'polypeptide(L)'
;QVQLQESGGGLVQPGGSLRLSCAASGFTFSNYKMNWVRQAPGKGLEWVSDISQSGASISYTGSVKGRFTISRDNAKNTLY
LQMNSLKPEDTAVYYCARCPAPFTRDCFDVTSTTYAYRGQGTQVTVSS
;
N
5 'polypeptide(L)'
;MLLETQDALYVALELVIAALSVAGNVLVCAAVGTANTLQTPTNYFLVSLAAADVAVGLFAIPFAITISLGFCTDFYGCLF
LACFVLVLTQSSIFSLLAVAVDRYLAICVPLRYKSLVTGTRARGVIAVLWVLAFGIGLTPFLGWNSKDSATNNCTEPWDG
TTNESCCLVKCLFENVVPMSYMVYFNFFGCVLPPLLIMLVIYIKIFLVACRQLQRTELMDHSRTTLQREIHAAKSLAMIV
GIFALCWLPVHAVNCVTLFQPAQGKNKPKWAMNMAILLSHANSVVNPIVYAYRNRDFRYTFHKIISRYLLCQADVKSGNG
QAGVQPALGVGL
;
R
#
loop_
_chem_comp.id
_chem_comp.type
_chem_comp.name
_chem_comp.formula
CLR non-polymer CHOLESTEROL 'C27 H46 O'
I5D non-polymer 2-[6-azanyl-3,5-dicyano-4-[4-(cyclopropylmethoxy)phenyl]pyridin-2-yl]sulfanylethanamide 'C19 H17 N5 O2 S'
#
# COMPACT_ATOMS: atom_id res chain seq x y z
N THR A 9 -18.67 -40.56 -15.58
CA THR A 9 -18.32 -39.37 -14.81
C THR A 9 -18.38 -38.11 -15.68
N GLU A 10 -19.24 -38.14 -16.69
CA GLU A 10 -19.41 -37.00 -17.59
C GLU A 10 -19.97 -35.77 -16.89
N ASP A 11 -20.74 -35.96 -15.82
CA ASP A 11 -21.31 -34.82 -15.10
C ASP A 11 -20.25 -33.97 -14.43
N GLN A 12 -19.12 -34.57 -14.07
CA GLN A 12 -18.02 -33.83 -13.45
C GLN A 12 -17.22 -33.01 -14.45
N ARG A 13 -16.85 -33.59 -15.58
CA ARG A 13 -16.18 -32.80 -16.62
C ARG A 13 -17.11 -31.74 -17.18
N ASN A 14 -18.42 -32.02 -17.26
CA ASN A 14 -19.37 -31.03 -17.72
C ASN A 14 -19.41 -29.82 -16.78
N GLU A 15 -19.54 -30.07 -15.47
CA GLU A 15 -19.58 -28.96 -14.54
C GLU A 15 -18.24 -28.23 -14.47
N GLU A 16 -17.12 -28.95 -14.62
CA GLU A 16 -15.82 -28.29 -14.62
C GLU A 16 -15.66 -27.39 -15.84
N LYS A 17 -16.11 -27.85 -17.01
CA LYS A 17 -15.99 -27.01 -18.21
C LYS A 17 -16.98 -25.85 -18.16
N ALA A 18 -18.13 -26.04 -17.51
CA ALA A 18 -19.05 -24.91 -17.30
C ALA A 18 -18.42 -23.87 -16.38
N GLN A 19 -17.73 -24.33 -15.32
CA GLN A 19 -17.02 -23.41 -14.45
C GLN A 19 -15.91 -22.68 -15.21
N ARG A 20 -15.22 -23.39 -16.10
CA ARG A 20 -14.18 -22.75 -16.91
C ARG A 20 -14.77 -21.71 -17.85
N GLU A 21 -15.93 -22.00 -18.43
CA GLU A 21 -16.59 -21.01 -19.28
C GLU A 21 -17.02 -19.78 -18.48
N ALA A 22 -17.55 -20.00 -17.28
CA ALA A 22 -17.90 -18.88 -16.42
C ALA A 22 -16.66 -18.07 -16.05
N ASN A 23 -15.55 -18.74 -15.79
CA ASN A 23 -14.31 -18.03 -15.49
C ASN A 23 -13.82 -17.24 -16.70
N LYS A 24 -14.03 -17.77 -17.91
CA LYS A 24 -13.67 -17.05 -19.11
C LYS A 24 -14.50 -15.78 -19.25
N MET A 25 -15.80 -15.88 -19.02
CA MET A 25 -16.65 -14.69 -19.08
C MET A 25 -16.27 -13.67 -18.01
N ILE A 26 -15.96 -14.15 -16.80
CA ILE A 26 -15.57 -13.23 -15.73
C ILE A 26 -14.23 -12.57 -16.05
N GLU A 27 -13.30 -13.31 -16.65
CA GLU A 27 -12.02 -12.74 -17.04
C GLU A 27 -12.21 -11.69 -18.14
N LYS A 28 -13.12 -11.96 -19.08
CA LYS A 28 -13.42 -10.96 -20.10
C LYS A 28 -14.02 -9.70 -19.50
N GLN A 29 -14.94 -9.86 -18.54
CA GLN A 29 -15.53 -8.71 -17.88
C GLN A 29 -14.47 -7.92 -17.11
N LEU A 30 -13.55 -8.62 -16.44
CA LEU A 30 -12.50 -7.96 -15.68
C LEU A 30 -11.53 -7.22 -16.60
N GLN A 31 -11.19 -7.82 -17.75
CA GLN A 31 -10.33 -7.15 -18.71
C GLN A 31 -11.00 -5.94 -19.33
N LYS A 32 -12.32 -6.01 -19.52
CA LYS A 32 -13.06 -4.84 -20.00
C LYS A 32 -13.11 -3.74 -18.95
N ASP A 33 -13.27 -4.11 -17.68
CA ASP A 33 -13.32 -3.11 -16.62
C ASP A 33 -11.94 -2.52 -16.33
N LYS A 34 -10.88 -3.26 -16.64
CA LYS A 34 -9.53 -2.74 -16.43
C LYS A 34 -9.26 -1.51 -17.26
N GLN A 35 -9.86 -1.42 -18.46
CA GLN A 35 -9.67 -0.24 -19.29
C GLN A 35 -10.24 1.00 -18.63
N VAL A 36 -11.49 0.91 -18.14
CA VAL A 36 -12.10 2.06 -17.49
C VAL A 36 -11.47 2.33 -16.13
N TYR A 37 -10.84 1.30 -15.53
CA TYR A 37 -10.13 1.52 -14.27
C TYR A 37 -8.84 2.31 -14.49
N ARG A 38 -8.08 1.94 -15.53
CA ARG A 38 -6.83 2.63 -15.82
C ARG A 38 -7.07 3.98 -16.49
N ALA A 39 -8.25 4.17 -17.08
CA ALA A 39 -8.54 5.42 -17.78
C ALA A 39 -8.86 6.57 -16.84
N THR A 40 -9.34 6.28 -15.63
CA THR A 40 -9.69 7.30 -14.65
C THR A 40 -8.60 7.39 -13.59
N HIS A 41 -8.32 8.61 -13.13
CA HIS A 41 -7.31 8.86 -12.11
C HIS A 41 -8.02 9.17 -10.79
N ARG A 42 -7.88 8.30 -9.81
CA ARG A 42 -8.51 8.49 -8.51
C ARG A 42 -7.77 9.58 -7.74
N LEU A 43 -8.53 10.51 -7.17
CA LEU A 43 -7.97 11.64 -6.43
C LEU A 43 -8.68 11.75 -5.08
N LEU A 44 -7.89 12.04 -4.05
CA LEU A 44 -8.43 12.26 -2.70
C LEU A 44 -8.64 13.75 -2.47
N LEU A 45 -9.69 14.08 -1.73
CA LEU A 45 -10.00 15.46 -1.39
C LEU A 45 -10.20 15.57 0.11
N LEU A 46 -9.48 16.51 0.73
CA LEU A 46 -9.55 16.70 2.18
C LEU A 46 -9.54 18.20 2.48
N GLY A 47 -9.97 18.53 3.68
CA GLY A 47 -10.05 19.91 4.14
C GLY A 47 -11.08 20.05 5.23
N ALA A 48 -10.94 21.11 6.02
CA ALA A 48 -11.86 21.36 7.12
C ALA A 48 -13.20 21.88 6.58
N ASP A 49 -14.11 22.15 7.52
CA ASP A 49 -15.45 22.61 7.14
C ASP A 49 -15.40 24.01 6.54
N ASN A 50 -14.49 24.86 7.01
CA ASN A 50 -14.42 26.22 6.49
C ASN A 50 -13.89 26.25 5.05
N SER A 51 -13.10 25.25 4.67
CA SER A 51 -12.56 25.20 3.32
C SER A 51 -13.66 24.93 2.31
N GLY A 52 -13.48 25.48 1.10
CA GLY A 52 -14.44 25.30 0.04
C GLY A 52 -14.12 24.11 -0.85
N LYS A 53 -13.83 22.96 -0.23
CA LYS A 53 -13.49 21.77 -1.00
C LYS A 53 -14.68 21.23 -1.78
N SER A 54 -15.90 21.54 -1.34
CA SER A 54 -17.08 21.03 -2.02
C SER A 54 -17.26 21.66 -3.40
N THR A 55 -16.78 22.89 -3.59
CA THR A 55 -16.88 23.60 -4.85
C THR A 55 -15.50 24.03 -5.33
N ILE A 56 -14.51 23.17 -5.15
CA ILE A 56 -13.14 23.51 -5.56
C ILE A 56 -12.97 23.35 -7.06
N VAL A 57 -13.73 22.44 -7.68
CA VAL A 57 -13.65 22.19 -9.12
C VAL A 57 -14.88 22.79 -9.78
N LYS A 58 -14.66 23.58 -10.83
CA LYS A 58 -15.75 24.18 -11.59
C LYS A 58 -16.03 23.46 -12.91
N GLN A 59 -15.08 22.66 -13.39
CA GLN A 59 -15.25 21.89 -14.62
C GLN A 59 -15.80 20.49 -14.35
N MET A 60 -16.52 20.30 -13.25
CA MET A 60 -17.04 18.98 -12.90
C MET A 60 -18.09 18.54 -13.93
N ARG A 61 -17.87 17.37 -14.52
CA ARG A 61 -18.83 16.83 -15.47
C ARG A 61 -20.04 16.25 -14.74
N ILE A 62 -19.80 15.33 -13.79
CA ILE A 62 -20.87 14.79 -12.96
C ILE A 62 -20.44 14.88 -11.49
N TYR A 63 -21.39 15.24 -10.64
CA TYR A 63 -21.17 15.38 -9.20
C TYR A 63 -22.22 14.54 -8.48
N HIS A 64 -21.85 13.33 -8.10
CA HIS A 64 -22.77 12.42 -7.42
C HIS A 64 -22.55 12.47 -5.91
N VAL A 65 -23.64 12.27 -5.17
CA VAL A 65 -23.61 12.22 -3.72
C VAL A 65 -24.02 10.82 -3.30
N ASN A 66 -23.06 10.05 -2.79
CA ASN A 66 -23.34 8.70 -2.32
C ASN A 66 -23.86 8.78 -0.88
N SER A 67 -23.91 7.63 -0.20
CA SER A 67 -24.41 7.61 1.17
C SER A 67 -23.47 8.35 2.11
N GLY A 68 -22.17 8.27 1.86
CA GLY A 68 -21.21 8.93 2.73
C GLY A 68 -20.03 9.57 2.02
N ILE A 69 -20.00 9.48 0.69
CA ILE A 69 -18.90 10.00 -0.11
C ILE A 69 -19.46 10.83 -1.25
N PHE A 70 -18.79 11.96 -1.52
CA PHE A 70 -19.12 12.81 -2.65
C PHE A 70 -18.15 12.51 -3.79
N GLU A 71 -18.67 12.01 -4.91
CA GLU A 71 -17.86 11.66 -6.07
C GLU A 71 -17.97 12.76 -7.12
N THR A 72 -16.85 13.08 -7.75
CA THR A 72 -16.79 14.12 -8.77
C THR A 72 -15.99 13.60 -9.94
N LYS A 73 -16.66 13.34 -11.07
CA LYS A 73 -15.99 12.87 -12.27
C LYS A 73 -15.95 13.99 -13.30
N PHE A 74 -14.74 14.27 -13.81
CA PHE A 74 -14.58 15.33 -14.80
C PHE A 74 -13.42 14.98 -15.72
N GLN A 75 -13.54 15.39 -16.97
CA GLN A 75 -12.55 15.10 -18.00
C GLN A 75 -11.83 16.38 -18.44
N VAL A 76 -10.51 16.33 -18.43
CA VAL A 76 -9.66 17.43 -18.89
C VAL A 76 -8.69 16.87 -19.93
N ASP A 77 -8.74 17.42 -21.15
CA ASP A 77 -7.87 16.99 -22.24
C ASP A 77 -7.95 15.48 -22.47
N LYS A 78 -9.18 14.96 -22.52
CA LYS A 78 -9.46 13.54 -22.73
C LYS A 78 -8.88 12.65 -21.63
N VAL A 79 -8.55 13.24 -20.48
CA VAL A 79 -8.05 12.50 -19.33
C VAL A 79 -9.09 12.60 -18.22
N ASN A 80 -9.56 11.45 -17.74
CA ASN A 80 -10.60 11.43 -16.72
C ASN A 80 -10.00 11.59 -15.33
N PHE A 81 -10.82 12.15 -14.43
CA PHE A 81 -10.44 12.32 -13.03
C PHE A 81 -11.67 12.06 -12.17
N HIS A 82 -11.49 11.22 -11.14
CA HIS A 82 -12.57 10.78 -10.27
C HIS A 82 -12.17 11.11 -8.83
N MET A 83 -12.52 12.32 -8.39
CA MET A 83 -12.19 12.78 -7.06
C MET A 83 -13.22 12.31 -6.04
N PHE A 84 -12.76 11.96 -4.85
CA PHE A 84 -13.61 11.52 -3.76
C PHE A 84 -13.46 12.45 -2.57
N ASP A 85 -14.58 12.79 -1.95
CA ASP A 85 -14.62 13.62 -0.75
C ASP A 85 -15.33 12.84 0.34
N VAL A 86 -14.62 12.55 1.42
CA VAL A 86 -15.14 11.76 2.54
C VAL A 86 -15.48 12.73 3.66
N GLY A 87 -16.74 13.14 3.73
CA GLY A 87 -17.17 14.07 4.75
C GLY A 87 -18.06 13.45 5.81
N ALA A 88 -18.85 12.44 5.42
CA ALA A 88 -19.76 11.77 6.34
C ALA A 88 -19.03 10.68 7.14
N GLN A 89 -18.01 11.12 7.87
CA GLN A 89 -17.23 10.24 8.72
C GLN A 89 -16.86 10.97 10.00
N ARG A 90 -16.50 10.20 11.02
CA ARG A 90 -16.16 10.78 12.31
C ARG A 90 -14.82 11.51 12.26
N ASP A 91 -14.50 12.20 13.35
CA ASP A 91 -13.26 12.96 13.43
C ASP A 91 -12.03 12.05 13.32
N GLU A 92 -12.12 10.83 13.81
CA GLU A 92 -10.99 9.90 13.75
C GLU A 92 -10.81 9.41 12.32
N ARG A 93 -9.71 9.81 11.69
CA ARG A 93 -9.45 9.48 10.29
C ARG A 93 -8.10 8.80 10.07
N ARG A 94 -7.48 8.27 11.12
CA ARG A 94 -6.17 7.66 10.97
C ARG A 94 -6.23 6.25 10.39
N LYS A 95 -7.43 5.66 10.28
CA LYS A 95 -7.56 4.29 9.80
C LYS A 95 -8.00 4.23 8.34
N TRP A 96 -9.12 4.86 8.00
CA TRP A 96 -9.64 4.77 6.63
C TRP A 96 -8.81 5.56 5.64
N ILE A 97 -7.95 6.47 6.11
CA ILE A 97 -7.08 7.21 5.20
C ILE A 97 -6.11 6.26 4.50
N GLN A 98 -5.78 5.13 5.14
CA GLN A 98 -4.93 4.13 4.50
C GLN A 98 -5.60 3.55 3.25
N CYS A 99 -6.93 3.66 3.16
CA CYS A 99 -7.63 3.24 1.95
C CYS A 99 -7.27 4.09 0.75
N PHE A 100 -6.76 5.30 0.97
CA PHE A 100 -6.41 6.22 -0.10
C PHE A 100 -4.91 6.29 -0.35
N ASN A 101 -4.21 5.18 -0.17
CA ASN A 101 -2.78 5.13 -0.47
C ASN A 101 -2.51 4.81 -1.93
N ASP A 102 -3.55 4.61 -2.75
CA ASP A 102 -3.39 4.32 -4.17
C ASP A 102 -3.93 5.42 -5.06
N VAL A 103 -4.36 6.55 -4.49
CA VAL A 103 -4.86 7.64 -5.32
C VAL A 103 -3.70 8.31 -6.05
N THR A 104 -4.04 9.00 -7.14
CA THR A 104 -3.02 9.70 -7.92
C THR A 104 -2.50 10.92 -7.18
N ALA A 105 -3.38 11.66 -6.53
CA ALA A 105 -2.98 12.87 -5.82
C ALA A 105 -4.03 13.20 -4.76
N ILE A 106 -3.59 13.95 -3.75
CA ILE A 106 -4.43 14.40 -2.65
C ILE A 106 -4.49 15.91 -2.69
N ILE A 107 -5.71 16.46 -2.65
CA ILE A 107 -5.94 17.89 -2.66
C ILE A 107 -6.44 18.29 -1.28
N PHE A 108 -5.58 18.98 -0.53
CA PHE A 108 -5.91 19.43 0.82
C PHE A 108 -6.22 20.93 0.74
N VAL A 109 -7.50 21.27 0.80
CA VAL A 109 -7.95 22.65 0.70
C VAL A 109 -7.83 23.31 2.06
N VAL A 110 -7.23 24.50 2.09
CA VAL A 110 -7.01 25.26 3.32
C VAL A 110 -7.63 26.63 3.16
N ASP A 111 -8.39 27.06 4.17
CA ASP A 111 -8.96 28.41 4.21
C ASP A 111 -7.91 29.35 4.76
N SER A 112 -7.18 30.01 3.88
CA SER A 112 -6.08 30.90 4.28
C SER A 112 -6.57 32.19 4.92
N SER A 113 -7.88 32.42 5.01
CA SER A 113 -8.37 33.65 5.60
C SER A 113 -8.34 33.61 7.12
N ASP A 114 -8.82 32.52 7.70
CA ASP A 114 -8.85 32.39 9.16
C ASP A 114 -7.45 32.08 9.68
N TYR A 115 -7.09 32.71 10.80
CA TYR A 115 -5.78 32.52 11.40
C TYR A 115 -5.80 31.54 12.57
N ASN A 116 -6.88 31.52 13.35
CA ASN A 116 -6.96 30.63 14.51
C ASN A 116 -7.06 29.18 14.07
N ARG A 117 -7.86 28.90 13.05
CA ARG A 117 -8.00 27.54 12.53
C ARG A 117 -6.88 27.18 11.54
N LEU A 118 -5.97 28.11 11.25
CA LEU A 118 -4.86 27.80 10.34
C LEU A 118 -3.89 26.82 10.98
N GLN A 119 -3.73 26.87 12.29
CA GLN A 119 -2.84 25.93 12.96
C GLN A 119 -3.38 24.51 12.88
N GLU A 120 -4.71 24.35 12.97
CA GLU A 120 -5.31 23.03 12.80
C GLU A 120 -5.06 22.50 11.40
N ALA A 121 -5.18 23.36 10.39
CA ALA A 121 -4.90 22.93 9.02
C ALA A 121 -3.43 22.56 8.84
N LEU A 122 -2.53 23.32 9.48
CA LEU A 122 -1.11 22.99 9.40
C LEU A 122 -0.82 21.64 10.06
N ASN A 123 -1.44 21.38 11.22
CA ASN A 123 -1.25 20.10 11.88
C ASN A 123 -1.82 18.95 11.05
N ASP A 124 -2.97 19.18 10.42
CA ASP A 124 -3.55 18.14 9.56
C ASP A 124 -2.66 17.86 8.37
N PHE A 125 -2.10 18.91 7.76
CA PHE A 125 -1.18 18.72 6.64
C PHE A 125 0.08 17.99 7.08
N LYS A 126 0.59 18.31 8.27
CA LYS A 126 1.78 17.63 8.77
C LYS A 126 1.50 16.16 9.02
N SER A 127 0.32 15.84 9.57
CA SER A 127 -0.02 14.44 9.83
C SER A 127 -0.21 13.67 8.53
N ILE A 128 -0.87 14.29 7.54
CA ILE A 128 -1.09 13.62 6.27
C ILE A 128 0.21 13.43 5.51
N TRP A 129 1.12 14.40 5.57
CA TRP A 129 2.38 14.33 4.84
C TRP A 129 3.31 13.29 5.46
N ASN A 130 3.39 13.24 6.78
CA ASN A 130 4.28 12.32 7.48
C ASN A 130 3.66 10.95 7.69
N ASN A 131 2.62 10.59 6.95
CA ASN A 131 2.01 9.28 7.08
C ASN A 131 2.93 8.20 6.52
N ARG A 132 2.86 7.02 7.14
CA ARG A 132 3.73 5.92 6.71
C ARG A 132 3.32 5.39 5.33
N TRP A 133 2.02 5.31 5.07
CA TRP A 133 1.53 4.78 3.80
C TRP A 133 1.34 5.86 2.74
N LEU A 134 1.02 7.08 3.16
CA LEU A 134 0.84 8.19 2.23
C LEU A 134 2.15 8.87 1.87
N ARG A 135 3.30 8.26 2.19
CA ARG A 135 4.59 8.87 1.86
C ARG A 135 4.83 8.86 0.36
N THR A 136 4.29 7.88 -0.36
CA THR A 136 4.44 7.78 -1.80
C THR A 136 3.36 8.54 -2.56
N ILE A 137 2.39 9.12 -1.86
CA ILE A 137 1.30 9.88 -2.46
C ILE A 137 1.50 11.34 -2.13
N SER A 138 1.53 12.18 -3.16
CA SER A 138 1.75 13.61 -2.97
C SER A 138 0.46 14.29 -2.52
N VAL A 139 0.63 15.48 -1.94
CA VAL A 139 -0.48 16.30 -1.46
C VAL A 139 -0.43 17.64 -2.18
N ILE A 140 -1.49 17.96 -2.91
CA ILE A 140 -1.58 19.23 -3.62
C ILE A 140 -2.26 20.24 -2.69
N LEU A 141 -1.66 21.43 -2.57
CA LEU A 141 -2.16 22.47 -1.69
C LEU A 141 -2.91 23.52 -2.51
N PHE A 142 -4.15 23.80 -2.12
CA PHE A 142 -4.96 24.83 -2.75
C PHE A 142 -5.46 25.78 -1.67
N LEU A 143 -4.93 27.00 -1.66
CA LEU A 143 -5.30 28.01 -0.67
C LEU A 143 -6.52 28.75 -1.17
N ASN A 144 -7.71 28.24 -0.83
CA ASN A 144 -8.96 28.83 -1.28
C ASN A 144 -9.29 30.07 -0.44
N LYS A 145 -10.30 30.80 -0.92
CA LYS A 145 -10.80 32.00 -0.24
C LYS A 145 -9.69 33.04 -0.07
N GLN A 146 -9.07 33.41 -1.20
CA GLN A 146 -8.05 34.46 -1.16
C GLN A 146 -8.65 35.84 -0.99
N ASP A 147 -9.90 36.03 -1.43
CA ASP A 147 -10.54 37.34 -1.31
C ASP A 147 -10.78 37.71 0.15
N LEU A 148 -11.22 36.74 0.95
CA LEU A 148 -11.45 37.01 2.37
C LEU A 148 -10.14 37.35 3.08
N LEU A 149 -9.07 36.60 2.79
CA LEU A 149 -7.78 36.90 3.38
C LEU A 149 -7.28 38.27 2.96
N ALA A 150 -7.44 38.61 1.68
CA ALA A 150 -6.99 39.92 1.20
C ALA A 150 -7.76 41.04 1.89
N GLU A 151 -9.09 40.91 1.97
CA GLU A 151 -9.88 41.93 2.65
C GLU A 151 -9.52 42.02 4.13
N LYS A 152 -9.17 40.89 4.74
CA LYS A 152 -8.81 40.90 6.16
C LYS A 152 -7.48 41.63 6.39
N VAL A 153 -6.48 41.38 5.53
CA VAL A 153 -5.19 42.04 5.73
C VAL A 153 -5.28 43.51 5.33
N LEU A 154 -6.19 43.84 4.40
CA LEU A 154 -6.37 45.23 4.03
C LEU A 154 -7.11 46.00 5.11
N ALA A 155 -8.03 45.35 5.81
CA ALA A 155 -8.77 46.01 6.88
C ALA A 155 -7.87 46.30 8.07
N GLY A 156 -6.94 45.40 8.37
CA GLY A 156 -6.02 45.58 9.48
C GLY A 156 -6.61 45.33 10.85
N LYS A 157 -7.83 44.78 10.94
CA LYS A 157 -8.43 44.52 12.25
C LYS A 157 -7.81 43.31 12.91
N SER A 158 -7.50 42.26 12.16
CA SER A 158 -6.89 41.05 12.68
C SER A 158 -5.52 40.86 12.05
N LYS A 159 -4.48 40.85 12.88
CA LYS A 159 -3.10 40.75 12.43
C LYS A 159 -2.63 39.30 12.60
N ILE A 160 -1.80 38.84 11.65
CA ILE A 160 -1.28 37.48 11.71
C ILE A 160 -0.26 37.33 12.83
N GLU A 161 0.34 38.43 13.29
CA GLU A 161 1.37 38.36 14.32
C GLU A 161 0.83 37.80 15.64
N ASP A 162 -0.48 37.93 15.86
CA ASP A 162 -1.07 37.39 17.09
C ASP A 162 -1.02 35.86 17.11
N TYR A 163 -0.99 35.24 15.94
CA TYR A 163 -0.95 33.78 15.83
C TYR A 163 0.37 33.25 15.32
N PHE A 164 1.11 34.02 14.53
CA PHE A 164 2.39 33.60 13.98
C PHE A 164 3.38 34.76 14.11
N PRO A 165 4.28 34.69 15.09
CA PRO A 165 5.24 35.79 15.28
C PRO A 165 6.31 35.85 14.20
N GLU A 166 6.60 34.73 13.53
CA GLU A 166 7.61 34.72 12.47
C GLU A 166 7.28 35.69 11.35
N PHE A 167 5.99 35.96 11.11
CA PHE A 167 5.59 36.93 10.11
C PHE A 167 6.17 38.32 10.38
N ALA A 168 6.52 38.61 11.63
CA ALA A 168 7.14 39.88 11.96
C ALA A 168 8.52 40.00 11.30
N ARG A 169 9.25 38.90 11.23
CA ARG A 169 10.57 38.90 10.61
C ARG A 169 10.57 38.34 9.19
N TYR A 170 9.47 37.74 8.76
CA TYR A 170 9.41 37.16 7.42
C TYR A 170 9.14 38.25 6.38
N THR A 171 9.68 38.05 5.18
CA THR A 171 9.46 38.95 4.06
C THR A 171 9.15 38.12 2.82
N THR A 172 8.57 38.79 1.82
CA THR A 172 8.19 38.10 0.60
C THR A 172 9.42 37.53 -0.09
N PRO A 173 9.34 36.32 -0.66
CA PRO A 173 10.51 35.73 -1.32
C PRO A 173 10.89 36.52 -2.57
N GLU A 174 12.11 36.26 -3.05
CA GLU A 174 12.61 36.98 -4.21
C GLU A 174 11.95 36.51 -5.50
N ASP A 175 11.48 35.26 -5.54
CA ASP A 175 10.85 34.69 -6.72
C ASP A 175 9.33 34.85 -6.72
N ALA A 176 8.81 35.82 -5.96
CA ALA A 176 7.37 36.04 -5.93
C ALA A 176 6.89 36.64 -7.24
N THR A 177 5.80 36.08 -7.78
CA THR A 177 5.18 36.54 -9.01
C THR A 177 3.73 36.88 -8.72
N PRO A 178 3.45 38.10 -8.24
CA PRO A 178 2.09 38.55 -7.93
C PRO A 178 1.18 38.58 -9.16
N PRO A 184 0.98 45.08 -1.06
CA PRO A 184 2.17 44.28 -0.75
C PRO A 184 1.98 43.37 0.46
N ARG A 185 1.19 43.82 1.43
CA ARG A 185 0.91 43.00 2.60
C ARG A 185 0.11 41.76 2.23
N VAL A 186 -0.76 41.87 1.23
CA VAL A 186 -1.54 40.73 0.76
C VAL A 186 -0.60 39.63 0.26
N THR A 187 0.27 39.99 -0.68
CA THR A 187 1.23 39.02 -1.21
C THR A 187 2.20 38.54 -0.13
N ARG A 188 2.57 39.42 0.80
CA ARG A 188 3.46 39.02 1.89
C ARG A 188 2.82 37.91 2.73
N ALA A 189 1.57 38.12 3.16
CA ALA A 189 0.91 37.10 3.96
C ALA A 189 0.65 35.84 3.17
N LYS A 190 0.29 35.97 1.89
CA LYS A 190 0.03 34.80 1.06
C LYS A 190 1.28 33.95 0.92
N TYR A 191 2.42 34.58 0.58
CA TYR A 191 3.66 33.82 0.45
C TYR A 191 4.16 33.34 1.80
N PHE A 192 3.81 34.02 2.88
CA PHE A 192 4.15 33.52 4.21
C PHE A 192 3.43 32.23 4.51
N ILE A 193 2.13 32.17 4.22
CA ILE A 193 1.37 30.94 4.40
C ILE A 193 1.91 29.85 3.48
N ARG A 194 2.25 30.22 2.25
CA ARG A 194 2.81 29.25 1.30
C ARG A 194 4.10 28.64 1.83
N ASP A 195 5.02 29.48 2.29
CA ASP A 195 6.29 28.97 2.80
C ASP A 195 6.12 28.21 4.11
N GLU A 196 5.15 28.61 4.94
CA GLU A 196 4.88 27.88 6.18
C GLU A 196 4.35 26.48 5.88
N PHE A 197 3.56 26.34 4.81
CA PHE A 197 3.13 25.01 4.40
C PHE A 197 4.25 24.23 3.75
N LEU A 198 5.11 24.91 2.98
CA LEU A 198 6.19 24.23 2.26
C LEU A 198 7.25 23.70 3.21
N ARG A 199 7.61 24.48 4.24
CA ARG A 199 8.61 24.02 5.20
C ARG A 199 8.14 22.79 5.95
N ILE A 200 6.83 22.63 6.13
CA ILE A 200 6.30 21.40 6.68
C ILE A 200 6.33 20.29 5.64
N SER A 201 6.02 20.65 4.38
CA SER A 201 6.07 19.65 3.30
C SER A 201 7.51 19.21 3.04
N THR A 202 8.45 20.15 3.02
CA THR A 202 9.85 19.81 2.79
C THR A 202 10.55 19.25 4.01
N ALA A 203 9.86 19.12 5.15
CA ALA A 203 10.46 18.58 6.36
C ALA A 203 10.67 17.08 6.29
N SER A 204 10.03 16.39 5.35
CA SER A 204 10.17 14.94 5.24
C SER A 204 9.95 14.55 3.78
N GLY A 205 10.25 13.28 3.49
CA GLY A 205 10.08 12.76 2.15
C GLY A 205 11.40 12.58 1.41
N ASP A 206 11.67 11.35 0.98
CA ASP A 206 12.90 11.04 0.25
C ASP A 206 12.74 11.28 -1.25
N GLY A 207 12.26 12.47 -1.61
CA GLY A 207 12.05 12.83 -2.99
C GLY A 207 10.96 12.08 -3.71
N ARG A 208 10.26 11.16 -3.04
CA ARG A 208 9.23 10.37 -3.70
C ARG A 208 7.93 11.14 -3.92
N HIS A 209 7.73 12.26 -3.23
CA HIS A 209 6.53 13.06 -3.40
C HIS A 209 6.83 14.49 -3.02
N TYR A 210 6.15 15.42 -3.70
CA TYR A 210 6.31 16.85 -3.47
C TYR A 210 4.93 17.51 -3.39
N CYS A 211 4.92 18.73 -2.87
CA CYS A 211 3.70 19.51 -2.73
C CYS A 211 3.66 20.60 -3.79
N TYR A 212 2.47 20.82 -4.35
CA TYR A 212 2.26 21.80 -5.42
C TYR A 212 1.34 22.90 -4.92
N PRO A 213 1.89 23.98 -4.35
CA PRO A 213 1.04 25.07 -3.86
C PRO A 213 0.48 25.88 -5.02
N HIS A 214 -0.82 26.19 -4.93
CA HIS A 214 -1.49 26.99 -5.94
C HIS A 214 -2.53 27.88 -5.26
N PHE A 215 -2.46 29.17 -5.52
CA PHE A 215 -3.40 30.14 -4.95
C PHE A 215 -4.62 30.24 -5.85
N THR A 216 -5.78 29.82 -5.34
CA THR A 216 -7.02 29.84 -6.09
C THR A 216 -8.11 30.52 -5.26
N CYS A 217 -9.11 31.04 -5.96
CA CYS A 217 -10.26 31.68 -5.32
C CYS A 217 -11.50 30.79 -5.45
N SER A 218 -12.58 31.22 -4.80
CA SER A 218 -13.82 30.47 -4.89
C SER A 218 -14.50 30.65 -6.24
N VAL A 219 -14.13 31.71 -6.98
CA VAL A 219 -14.71 31.99 -8.28
C VAL A 219 -13.75 31.66 -9.41
N ASP A 220 -12.59 31.08 -9.10
CA ASP A 220 -11.61 30.74 -10.13
C ASP A 220 -12.01 29.44 -10.82
N THR A 221 -12.03 29.46 -12.15
CA THR A 221 -12.38 28.30 -12.94
C THR A 221 -11.17 27.54 -13.47
N GLU A 222 -9.96 28.01 -13.19
CA GLU A 222 -8.74 27.37 -13.68
C GLU A 222 -8.28 26.22 -12.79
N ASN A 223 -9.08 25.80 -11.80
CA ASN A 223 -8.64 24.74 -10.89
C ASN A 223 -8.47 23.41 -11.62
N ALA A 224 -9.31 23.14 -12.61
CA ALA A 224 -9.22 21.88 -13.35
C ALA A 224 -7.88 21.77 -14.07
N ARG A 225 -7.47 22.84 -14.76
CA ARG A 225 -6.19 22.83 -15.46
C ARG A 225 -5.03 22.71 -14.48
N ARG A 226 -5.15 23.36 -13.31
CA ARG A 226 -4.10 23.25 -12.29
C ARG A 226 -3.95 21.81 -11.82
N ILE A 227 -5.08 21.15 -11.51
CA ILE A 227 -5.03 19.77 -11.05
C ILE A 227 -4.48 18.86 -12.16
N PHE A 228 -4.88 19.12 -13.41
CA PHE A 228 -4.38 18.33 -14.53
C PHE A 228 -2.86 18.44 -14.64
N ASN A 229 -2.34 19.66 -14.61
CA ASN A 229 -0.90 19.87 -14.73
C ASN A 229 -0.15 19.27 -13.55
N ASP A 230 -0.69 19.43 -12.34
CA ASP A 230 -0.03 18.89 -11.16
C ASP A 230 0.02 17.37 -11.21
N CYS A 231 -1.07 16.73 -11.63
CA CYS A 231 -1.09 15.28 -11.72
C CYS A 231 -0.13 14.79 -12.81
N ARG A 232 -0.08 15.51 -13.94
CA ARG A 232 0.88 15.16 -14.99
C ARG A 232 2.30 15.23 -14.46
N ASP A 233 2.63 16.30 -13.74
CA ASP A 233 3.97 16.44 -13.19
C ASP A 233 4.26 15.36 -12.15
N ILE A 234 3.26 15.00 -11.35
CA ILE A 234 3.44 13.96 -10.34
C ILE A 234 3.80 12.63 -11.00
N ILE A 235 2.99 12.20 -11.97
CA ILE A 235 3.24 10.93 -12.63
C ILE A 235 4.53 10.98 -13.43
N GLN A 236 4.87 12.13 -14.00
CA GLN A 236 6.13 12.27 -14.73
C GLN A 236 7.32 12.11 -13.81
N ARG A 237 7.29 12.76 -12.65
CA ARG A 237 8.38 12.61 -11.68
C ARG A 237 8.45 11.18 -11.14
N MET A 238 7.30 10.52 -10.97
CA MET A 238 7.31 9.13 -10.54
C MET A 238 7.98 8.25 -11.58
N HIS A 239 7.64 8.44 -12.86
CA HIS A 239 8.27 7.66 -13.91
C HIS A 239 9.76 7.97 -14.03
N LEU A 240 10.14 9.22 -13.79
CA LEU A 240 11.56 9.58 -13.82
C LEU A 240 12.33 8.90 -12.69
N ARG A 241 11.74 8.89 -11.49
CA ARG A 241 12.39 8.22 -10.37
C ARG A 241 12.45 6.71 -10.59
N GLN A 242 11.46 6.16 -11.30
CA GLN A 242 11.48 4.73 -11.60
C GLN A 242 12.66 4.38 -12.49
N TYR A 243 13.05 5.28 -13.38
CA TYR A 243 14.16 5.07 -14.30
C TYR A 243 15.45 5.72 -13.83
N GLU A 244 15.54 6.06 -12.54
CA GLU A 244 16.72 6.70 -11.95
C GLU A 244 17.06 8.02 -12.65
N LEU A 245 16.06 8.73 -13.14
CA LEU A 245 16.27 9.99 -13.84
C LEU A 245 15.94 11.20 -12.98
N LEU A 246 15.62 11.00 -11.71
CA LEU A 246 15.30 12.10 -10.81
C LEU A 246 15.64 11.75 -9.37
N GLU B 8 -20.20 16.24 41.84
CA GLU B 8 -19.50 15.04 42.30
C GLU B 8 -19.12 14.13 41.14
N LEU B 9 -18.54 14.72 40.09
CA LEU B 9 -18.11 13.93 38.93
C LEU B 9 -16.76 13.28 39.20
N ASP B 10 -15.86 13.99 39.88
CA ASP B 10 -14.57 13.40 40.24
C ASP B 10 -14.75 12.26 41.23
N GLN B 11 -15.82 12.29 42.03
CA GLN B 11 -16.13 11.16 42.90
C GLN B 11 -16.43 9.90 42.09
N LEU B 12 -17.22 10.05 41.03
CA LEU B 12 -17.45 8.92 40.13
C LEU B 12 -16.18 8.53 39.40
N ARG B 13 -15.31 9.50 39.10
CA ARG B 13 -14.02 9.20 38.49
C ARG B 13 -13.20 8.27 39.38
N GLN B 14 -13.07 8.62 40.66
CA GLN B 14 -12.31 7.76 41.57
C GLN B 14 -13.05 6.46 41.86
N GLU B 15 -14.38 6.45 41.77
CA GLU B 15 -15.12 5.20 41.90
C GLU B 15 -14.75 4.24 40.77
N ALA B 16 -14.73 4.75 39.53
CA ALA B 16 -14.31 3.93 38.40
C ALA B 16 -12.84 3.52 38.54
N GLU B 17 -12.00 4.42 39.06
CA GLU B 17 -10.59 4.10 39.23
C GLU B 17 -10.40 2.96 40.24
N GLN B 18 -11.10 3.03 41.37
CA GLN B 18 -10.96 1.98 42.38
C GLN B 18 -11.60 0.68 41.92
N LEU B 19 -12.66 0.75 41.10
CA LEU B 19 -13.22 -0.47 40.54
C LEU B 19 -12.24 -1.13 39.56
N LYS B 20 -11.56 -0.31 38.75
CA LYS B 20 -10.56 -0.86 37.84
C LYS B 20 -9.37 -1.42 38.60
N ASN B 21 -9.00 -0.79 39.71
CA ASN B 21 -7.92 -1.33 40.54
C ASN B 21 -8.33 -2.65 41.17
N GLN B 22 -9.58 -2.76 41.62
CA GLN B 22 -10.10 -4.02 42.11
C GLN B 22 -10.03 -5.10 41.04
N ILE B 23 -10.47 -4.78 39.81
CA ILE B 23 -10.44 -5.76 38.73
C ILE B 23 -9.01 -6.18 38.43
N ARG B 24 -8.08 -5.21 38.42
CA ARG B 24 -6.68 -5.53 38.13
C ARG B 24 -6.08 -6.42 39.20
N ASP B 25 -6.33 -6.11 40.47
CA ASP B 25 -5.78 -6.93 41.54
C ASP B 25 -6.43 -8.31 41.58
N ALA B 26 -7.71 -8.40 41.20
CA ALA B 26 -8.36 -9.70 41.10
C ALA B 26 -7.74 -10.54 39.98
N ARG B 27 -7.48 -9.92 38.84
CA ARG B 27 -6.81 -10.62 37.75
C ARG B 27 -5.40 -11.04 38.14
N LYS B 28 -4.70 -10.21 38.92
CA LYS B 28 -3.37 -10.58 39.40
C LYS B 28 -3.42 -11.68 40.45
N ALA B 29 -4.54 -11.80 41.16
CA ALA B 29 -4.65 -12.82 42.20
C ALA B 29 -4.76 -14.21 41.59
N CYS B 30 -5.62 -14.37 40.59
CA CYS B 30 -5.79 -15.66 39.93
C CYS B 30 -4.64 -16.01 39.00
N ALA B 31 -3.66 -15.12 38.85
CA ALA B 31 -2.50 -15.37 37.98
C ALA B 31 -1.55 -16.34 38.67
N ASP B 32 -1.93 -17.62 38.61
CA ASP B 32 -1.11 -18.66 39.24
C ASP B 32 0.26 -18.75 38.59
N ALA B 33 0.31 -18.71 37.27
CA ALA B 33 1.57 -18.77 36.52
C ALA B 33 1.32 -18.26 35.11
N THR B 34 2.36 -18.32 34.29
CA THR B 34 2.27 -17.97 32.88
C THR B 34 2.30 -19.23 32.04
N LEU B 35 1.46 -19.26 31.00
CA LEU B 35 1.36 -20.46 30.17
C LEU B 35 2.67 -20.74 29.44
N SER B 36 3.49 -19.71 29.22
CA SER B 36 4.78 -19.91 28.56
C SER B 36 5.66 -20.85 29.37
N GLN B 37 5.83 -20.58 30.67
CA GLN B 37 6.66 -21.45 31.49
C GLN B 37 6.00 -22.80 31.74
N ILE B 38 4.68 -22.87 31.61
CA ILE B 38 3.99 -24.14 31.78
C ILE B 38 4.21 -25.06 30.58
N THR B 39 4.28 -24.48 29.37
CA THR B 39 4.46 -25.26 28.15
C THR B 39 5.91 -25.67 27.89
N ASN B 40 6.79 -25.59 28.88
CA ASN B 40 8.17 -26.04 28.68
C ASN B 40 8.31 -27.55 28.72
N ASN B 41 7.25 -28.28 29.04
CA ASN B 41 7.30 -29.74 29.10
C ASN B 41 6.97 -30.41 27.78
N ILE B 42 6.21 -29.76 26.90
CA ILE B 42 5.85 -30.35 25.62
C ILE B 42 6.88 -29.96 24.57
N ASP B 43 6.95 -30.76 23.52
CA ASP B 43 7.87 -30.50 22.43
C ASP B 43 7.33 -29.41 21.51
N PRO B 44 8.12 -28.39 21.17
CA PRO B 44 7.61 -27.33 20.29
C PRO B 44 7.34 -27.83 18.89
N VAL B 45 6.66 -26.98 18.12
CA VAL B 45 6.30 -27.35 16.74
C VAL B 45 7.53 -27.37 15.85
N GLY B 46 8.56 -26.60 16.21
CA GLY B 46 9.76 -26.56 15.39
C GLY B 46 9.59 -25.68 14.16
N ARG B 47 10.26 -26.07 13.09
CA ARG B 47 10.19 -25.33 11.84
C ARG B 47 8.99 -25.75 11.01
N ILE B 48 8.29 -24.77 10.45
CA ILE B 48 7.13 -25.01 9.60
C ILE B 48 7.32 -24.25 8.30
N GLN B 49 7.23 -24.96 7.19
CA GLN B 49 7.43 -24.37 5.86
C GLN B 49 6.22 -24.68 4.99
N MET B 50 5.68 -23.63 4.36
CA MET B 50 4.54 -23.75 3.46
C MET B 50 4.90 -23.12 2.13
N ARG B 51 4.38 -23.71 1.04
CA ARG B 51 4.65 -23.26 -0.30
C ARG B 51 3.37 -22.76 -0.96
N THR B 52 3.52 -21.85 -1.91
CA THR B 52 2.38 -21.29 -2.62
C THR B 52 1.83 -22.33 -3.60
N ARG B 53 0.60 -22.78 -3.36
CA ARG B 53 -0.05 -23.74 -4.23
C ARG B 53 -0.74 -23.07 -5.42
N ARG B 54 -1.58 -22.07 -5.14
CA ARG B 54 -2.29 -21.34 -6.18
C ARG B 54 -2.13 -19.84 -5.95
N THR B 55 -2.14 -19.09 -7.04
CA THR B 55 -2.03 -17.63 -7.01
C THR B 55 -3.25 -17.05 -7.69
N LEU B 56 -4.14 -16.45 -6.91
CA LEU B 56 -5.39 -15.89 -7.44
C LEU B 56 -5.09 -14.51 -8.01
N ARG B 57 -5.12 -14.40 -9.33
CA ARG B 57 -4.86 -13.16 -10.04
C ARG B 57 -6.14 -12.67 -10.71
N GLY B 58 -6.26 -11.35 -10.85
CA GLY B 58 -7.42 -10.77 -11.48
C GLY B 58 -7.90 -9.48 -10.84
N HIS B 59 -7.55 -9.27 -9.57
CA HIS B 59 -7.95 -8.07 -8.87
C HIS B 59 -7.20 -6.85 -9.43
N LEU B 60 -7.92 -5.75 -9.62
CA LEU B 60 -7.31 -4.54 -10.14
C LEU B 60 -6.64 -3.73 -9.03
N ALA B 61 -7.41 -3.29 -8.04
CA ALA B 61 -6.88 -2.50 -6.94
C ALA B 61 -6.47 -3.41 -5.79
N LYS B 62 -6.17 -2.81 -4.64
CA LYS B 62 -5.68 -3.58 -3.50
C LYS B 62 -6.81 -4.35 -2.84
N ILE B 63 -6.57 -5.63 -2.54
CA ILE B 63 -7.53 -6.43 -1.80
C ILE B 63 -7.54 -5.98 -0.34
N TYR B 64 -8.73 -5.92 0.26
CA TYR B 64 -8.86 -5.44 1.63
C TYR B 64 -9.38 -6.48 2.62
N ALA B 65 -10.13 -7.48 2.18
CA ALA B 65 -10.68 -8.46 3.10
C ALA B 65 -10.97 -9.74 2.35
N MET B 66 -11.07 -10.84 3.10
CA MET B 66 -11.40 -12.14 2.55
C MET B 66 -12.04 -12.98 3.64
N HIS B 67 -12.76 -14.02 3.23
CA HIS B 67 -13.42 -14.91 4.17
C HIS B 67 -13.63 -16.26 3.49
N TRP B 68 -13.38 -17.33 4.24
CA TRP B 68 -13.55 -18.69 3.75
C TRP B 68 -14.97 -19.18 4.02
N GLY B 69 -15.47 -20.02 3.10
CA GLY B 69 -16.75 -20.64 3.30
C GLY B 69 -16.66 -21.87 4.17
N THR B 70 -17.84 -22.34 4.61
CA THR B 70 -17.89 -23.54 5.43
C THR B 70 -17.55 -24.80 4.65
N ASP B 71 -17.68 -24.77 3.32
CA ASP B 71 -17.30 -25.91 2.50
C ASP B 71 -15.79 -26.02 2.30
N SER B 72 -15.02 -25.04 2.77
CA SER B 72 -13.56 -25.01 2.65
C SER B 72 -13.10 -25.05 1.20
N ARG B 73 -13.98 -24.68 0.26
CA ARG B 73 -13.66 -24.70 -1.16
C ARG B 73 -13.74 -23.31 -1.79
N LEU B 74 -14.84 -22.60 -1.60
CA LEU B 74 -15.01 -21.27 -2.17
C LEU B 74 -14.58 -20.21 -1.15
N LEU B 75 -13.97 -19.13 -1.66
CA LEU B 75 -13.50 -18.05 -0.82
C LEU B 75 -13.90 -16.71 -1.44
N VAL B 76 -14.37 -15.79 -0.62
CA VAL B 76 -14.77 -14.47 -1.10
C VAL B 76 -13.62 -13.50 -0.88
N SER B 77 -13.50 -12.51 -1.77
CA SER B 77 -12.44 -11.52 -1.65
C SER B 77 -12.93 -10.19 -2.19
N ALA B 78 -12.67 -9.12 -1.45
CA ALA B 78 -13.10 -7.77 -1.83
C ALA B 78 -11.89 -6.93 -2.20
N SER B 79 -11.98 -6.26 -3.34
CA SER B 79 -10.91 -5.41 -3.85
C SER B 79 -11.36 -3.96 -3.86
N GLN B 80 -10.42 -3.06 -3.58
CA GLN B 80 -10.72 -1.63 -3.42
C GLN B 80 -11.14 -0.96 -4.72
N ASP B 81 -11.22 -1.68 -5.83
CA ASP B 81 -11.76 -1.13 -7.07
C ASP B 81 -13.25 -1.36 -7.20
N GLY B 82 -13.89 -1.96 -6.19
CA GLY B 82 -15.32 -2.21 -6.23
C GLY B 82 -15.69 -3.55 -6.84
N LYS B 83 -14.98 -4.60 -6.42
CA LYS B 83 -15.22 -5.94 -6.96
C LYS B 83 -15.19 -6.96 -5.84
N LEU B 84 -16.24 -7.79 -5.79
CA LEU B 84 -16.32 -8.91 -4.85
C LEU B 84 -16.25 -10.19 -5.67
N ILE B 85 -15.11 -10.89 -5.58
CA ILE B 85 -14.85 -12.06 -6.41
C ILE B 85 -14.86 -13.31 -5.55
N ILE B 86 -15.52 -14.36 -6.04
CA ILE B 86 -15.54 -15.66 -5.40
C ILE B 86 -14.59 -16.58 -6.16
N TRP B 87 -13.65 -17.17 -5.45
CA TRP B 87 -12.61 -18.00 -6.02
C TRP B 87 -12.77 -19.45 -5.56
N ASP B 88 -12.51 -20.37 -6.47
CA ASP B 88 -12.48 -21.80 -6.16
C ASP B 88 -11.05 -22.16 -5.78
N SER B 89 -10.84 -22.54 -4.52
CA SER B 89 -9.49 -22.81 -4.03
C SER B 89 -8.88 -24.03 -4.71
N TYR B 90 -9.70 -24.92 -5.25
CA TYR B 90 -9.18 -26.15 -5.86
C TYR B 90 -8.84 -25.95 -7.32
N THR B 91 -9.65 -25.19 -8.05
CA THR B 91 -9.50 -25.04 -9.49
C THR B 91 -9.12 -23.63 -9.94
N THR B 92 -9.07 -22.67 -9.02
CA THR B 92 -8.58 -21.30 -9.24
C THR B 92 -9.50 -20.49 -10.17
N ASN B 93 -10.51 -21.13 -10.77
CA ASN B 93 -11.41 -20.42 -11.67
C ASN B 93 -12.46 -19.64 -10.89
N LYS B 94 -12.77 -18.43 -11.38
CA LYS B 94 -13.69 -17.54 -10.69
C LYS B 94 -15.13 -18.00 -10.90
N VAL B 95 -15.92 -17.95 -9.84
CA VAL B 95 -17.33 -18.35 -9.89
C VAL B 95 -18.25 -17.15 -10.06
N HIS B 96 -18.01 -16.09 -9.28
CA HIS B 96 -18.85 -14.90 -9.35
C HIS B 96 -17.97 -13.66 -9.18
N ALA B 97 -18.37 -12.57 -9.85
CA ALA B 97 -17.68 -11.28 -9.77
C ALA B 97 -18.74 -10.19 -9.69
N ILE B 98 -19.05 -9.78 -8.46
CA ILE B 98 -20.08 -8.77 -8.21
C ILE B 98 -19.43 -7.39 -8.28
N PRO B 99 -19.89 -6.51 -9.16
CA PRO B 99 -19.38 -5.13 -9.17
C PRO B 99 -20.03 -4.31 -8.06
N LEU B 100 -19.21 -3.81 -7.15
CA LEU B 100 -19.71 -3.05 -6.01
C LEU B 100 -20.03 -1.62 -6.40
N ARG B 101 -21.11 -1.09 -5.84
CA ARG B 101 -21.51 0.29 -6.15
C ARG B 101 -20.51 1.28 -5.58
N SER B 102 -20.04 1.05 -4.36
CA SER B 102 -19.03 1.90 -3.72
C SER B 102 -17.68 1.20 -3.84
N SER B 103 -16.73 1.86 -4.51
CA SER B 103 -15.43 1.26 -4.74
C SER B 103 -14.65 1.06 -3.45
N TRP B 104 -14.86 1.93 -2.45
CA TRP B 104 -14.09 1.87 -1.21
C TRP B 104 -14.74 0.87 -0.26
N VAL B 105 -14.46 -0.40 -0.53
CA VAL B 105 -14.91 -1.51 0.29
C VAL B 105 -13.79 -1.92 1.24
N MET B 106 -14.14 -2.19 2.50
CA MET B 106 -13.16 -2.56 3.50
C MET B 106 -13.43 -3.91 4.17
N THR B 107 -14.58 -4.52 3.93
CA THR B 107 -14.91 -5.78 4.58
C THR B 107 -15.79 -6.62 3.68
N CYS B 108 -15.78 -7.93 3.93
CA CYS B 108 -16.62 -8.87 3.20
C CYS B 108 -16.83 -10.09 4.07
N ALA B 109 -17.96 -10.77 3.84
CA ALA B 109 -18.33 -11.93 4.64
C ALA B 109 -18.99 -12.97 3.76
N TYR B 110 -18.89 -14.23 4.18
CA TYR B 110 -19.52 -15.35 3.49
C TYR B 110 -20.45 -16.05 4.47
N ALA B 111 -21.72 -16.18 4.10
CA ALA B 111 -22.69 -16.82 4.96
C ALA B 111 -22.35 -18.31 5.14
N PRO B 112 -22.73 -18.91 6.27
CA PRO B 112 -22.43 -20.33 6.47
C PRO B 112 -23.14 -21.24 5.49
N SER B 113 -24.32 -20.85 5.01
CA SER B 113 -25.05 -21.66 4.03
C SER B 113 -24.52 -21.47 2.61
N GLY B 114 -23.67 -20.48 2.37
CA GLY B 114 -23.10 -20.27 1.06
C GLY B 114 -24.03 -19.65 0.04
N ASN B 115 -25.11 -19.01 0.48
CA ASN B 115 -26.08 -18.41 -0.42
C ASN B 115 -26.00 -16.89 -0.48
N TYR B 116 -25.54 -16.24 0.59
CA TYR B 116 -25.46 -14.79 0.65
C TYR B 116 -24.05 -14.37 1.03
N VAL B 117 -23.69 -13.15 0.61
CA VAL B 117 -22.39 -12.57 0.91
C VAL B 117 -22.60 -11.11 1.34
N ALA B 118 -21.79 -10.66 2.30
CA ALA B 118 -21.90 -9.31 2.82
C ALA B 118 -20.75 -8.44 2.29
N CYS B 119 -21.02 -7.14 2.20
CA CYS B 119 -20.02 -6.17 1.76
C CYS B 119 -20.29 -4.85 2.44
N GLY B 120 -19.23 -4.05 2.58
CA GLY B 120 -19.36 -2.75 3.21
C GLY B 120 -18.05 -2.01 3.17
N GLY B 121 -18.12 -0.72 3.52
CA GLY B 121 -16.94 0.12 3.52
C GLY B 121 -17.21 1.55 3.94
N LEU B 122 -16.61 2.51 3.24
CA LEU B 122 -16.78 3.92 3.57
C LEU B 122 -18.18 4.44 3.27
N ASP B 123 -19.00 3.67 2.57
CA ASP B 123 -20.36 4.10 2.26
C ASP B 123 -21.31 3.96 3.44
N ASN B 124 -20.85 3.39 4.56
CA ASN B 124 -21.65 3.20 5.76
C ASN B 124 -22.92 2.40 5.51
N ILE B 125 -22.90 1.51 4.51
CA ILE B 125 -24.04 0.67 4.18
C ILE B 125 -23.56 -0.77 4.01
N CYS B 126 -24.26 -1.70 4.65
CA CYS B 126 -23.95 -3.12 4.54
C CYS B 126 -24.84 -3.74 3.47
N SER B 127 -24.23 -4.17 2.37
CA SER B 127 -24.97 -4.72 1.24
C SER B 127 -24.90 -6.24 1.28
N ILE B 128 -26.04 -6.89 1.08
CA ILE B 128 -26.14 -8.35 1.03
C ILE B 128 -26.46 -8.76 -0.40
N TYR B 129 -25.66 -9.67 -0.94
CA TYR B 129 -25.82 -10.16 -2.30
C TYR B 129 -26.14 -11.65 -2.26
N ASN B 130 -27.19 -12.05 -2.98
CA ASN B 130 -27.63 -13.43 -3.02
C ASN B 130 -26.93 -14.15 -4.18
N LEU B 131 -26.22 -15.23 -3.86
CA LEU B 131 -25.51 -16.00 -4.88
C LEU B 131 -26.38 -17.08 -5.51
N LYS B 132 -27.46 -17.49 -4.85
CA LYS B 132 -28.34 -18.55 -5.33
C LYS B 132 -29.64 -18.01 -5.91
N THR B 133 -29.59 -16.87 -6.58
CA THR B 133 -30.77 -16.27 -7.19
C THR B 133 -31.35 -17.16 -8.29
N VAL B 138 -26.84 -12.00 -10.23
CA VAL B 138 -26.58 -11.67 -8.83
C VAL B 138 -26.79 -10.18 -8.59
N ARG B 139 -27.66 -9.86 -7.64
CA ARG B 139 -27.97 -8.49 -7.29
C ARG B 139 -28.00 -8.33 -5.78
N VAL B 140 -28.04 -7.09 -5.32
CA VAL B 140 -28.06 -6.80 -3.89
C VAL B 140 -29.43 -7.14 -3.32
N SER B 141 -29.45 -7.96 -2.27
CA SER B 141 -30.71 -8.32 -1.63
C SER B 141 -31.20 -7.23 -0.70
N ARG B 142 -30.36 -6.79 0.24
CA ARG B 142 -30.73 -5.75 1.18
C ARG B 142 -29.55 -4.81 1.36
N GLU B 143 -29.87 -3.57 1.75
CA GLU B 143 -28.86 -2.54 2.02
C GLU B 143 -29.13 -1.97 3.40
N LEU B 144 -28.53 -2.56 4.42
CA LEU B 144 -28.68 -2.09 5.80
C LEU B 144 -27.95 -0.77 5.96
N ALA B 145 -28.70 0.29 6.23
CA ALA B 145 -28.15 1.63 6.42
C ALA B 145 -28.53 2.15 7.80
N GLY B 146 -27.76 3.13 8.27
CA GLY B 146 -28.00 3.71 9.58
C GLY B 146 -26.72 3.99 10.34
N HIS B 147 -25.65 3.31 9.97
CA HIS B 147 -24.36 3.52 10.62
C HIS B 147 -23.78 4.87 10.24
N THR B 148 -23.19 5.54 11.23
CA THR B 148 -22.51 6.82 11.01
C THR B 148 -20.99 6.64 10.90
N GLY B 149 -20.55 5.45 10.50
CA GLY B 149 -19.13 5.18 10.35
C GLY B 149 -18.91 4.13 9.28
N TYR B 150 -17.64 3.90 8.97
CA TYR B 150 -17.26 2.97 7.92
C TYR B 150 -17.37 1.54 8.41
N LEU B 151 -17.83 0.65 7.54
CA LEU B 151 -17.94 -0.76 7.87
C LEU B 151 -16.55 -1.40 7.85
N SER B 152 -16.09 -1.86 9.01
CA SER B 152 -14.76 -2.44 9.13
C SER B 152 -14.76 -3.95 9.13
N CYS B 153 -15.82 -4.58 9.63
CA CYS B 153 -15.89 -6.04 9.67
C CYS B 153 -17.35 -6.47 9.67
N CYS B 154 -17.60 -7.64 9.07
CA CYS B 154 -18.94 -8.19 8.99
C CYS B 154 -18.84 -9.71 9.09
N ARG B 155 -19.77 -10.30 9.83
CA ARG B 155 -19.82 -11.74 10.00
C ARG B 155 -21.28 -12.18 10.07
N PHE B 156 -21.54 -13.40 9.60
CA PHE B 156 -22.90 -13.94 9.55
C PHE B 156 -23.15 -14.87 10.73
N LEU B 157 -24.21 -14.59 11.49
CA LEU B 157 -24.67 -15.53 12.50
C LEU B 157 -25.57 -16.61 11.91
N ASP B 158 -26.53 -16.22 11.08
CA ASP B 158 -27.44 -17.15 10.43
C ASP B 158 -27.73 -16.62 9.04
N ASP B 159 -28.73 -17.19 8.38
CA ASP B 159 -29.24 -16.66 7.12
C ASP B 159 -30.24 -15.54 7.32
N ASN B 160 -30.46 -15.11 8.56
CA ASN B 160 -31.46 -14.10 8.89
C ASN B 160 -30.88 -12.93 9.68
N GLN B 161 -29.83 -13.17 10.46
CA GLN B 161 -29.18 -12.13 11.25
C GLN B 161 -27.72 -11.99 10.83
N ILE B 162 -27.18 -10.80 11.02
CA ILE B 162 -25.80 -10.52 10.62
C ILE B 162 -25.21 -9.45 11.54
N VAL B 163 -24.02 -9.70 12.06
CA VAL B 163 -23.30 -8.74 12.90
C VAL B 163 -22.39 -7.90 12.03
N THR B 164 -22.40 -6.59 12.26
CA THR B 164 -21.58 -5.65 11.52
C THR B 164 -20.87 -4.73 12.50
N SER B 165 -19.66 -4.31 12.12
CA SER B 165 -18.84 -3.42 12.92
C SER B 165 -18.62 -2.14 12.14
N SER B 166 -18.90 -1.00 12.75
CA SER B 166 -18.78 0.29 12.10
C SER B 166 -17.79 1.17 12.86
N GLY B 167 -17.32 2.21 12.16
CA GLY B 167 -16.35 3.14 12.72
C GLY B 167 -16.90 4.16 13.68
N ASP B 168 -18.20 4.11 13.99
CA ASP B 168 -18.81 5.05 14.92
C ASP B 168 -18.75 4.56 16.37
N THR B 169 -17.76 3.73 16.70
CA THR B 169 -17.58 3.14 18.03
C THR B 169 -18.73 2.24 18.44
N THR B 170 -19.54 1.78 17.48
CA THR B 170 -20.71 0.96 17.76
C THR B 170 -20.73 -0.26 16.85
N CYS B 171 -21.23 -1.36 17.38
CA CYS B 171 -21.50 -2.57 16.60
C CYS B 171 -23.00 -2.79 16.52
N ALA B 172 -23.43 -3.56 15.52
CA ALA B 172 -24.86 -3.74 15.35
C ALA B 172 -25.17 -5.10 14.75
N LEU B 173 -26.08 -5.82 15.40
CA LEU B 173 -26.64 -7.06 14.86
C LEU B 173 -27.96 -6.72 14.18
N TRP B 174 -28.00 -6.85 12.86
CA TRP B 174 -29.17 -6.54 12.05
C TRP B 174 -29.91 -7.81 11.66
N ASP B 175 -31.19 -7.64 11.35
CA ASP B 175 -32.02 -8.69 10.77
C ASP B 175 -32.08 -8.44 9.26
N ILE B 176 -31.73 -9.46 8.48
CA ILE B 176 -31.60 -9.28 7.03
C ILE B 176 -32.95 -8.97 6.39
N GLU B 177 -33.99 -9.72 6.72
CA GLU B 177 -35.29 -9.51 6.08
C GLU B 177 -35.93 -8.21 6.56
N THR B 178 -35.76 -7.89 7.84
CA THR B 178 -36.36 -6.67 8.38
C THR B 178 -35.56 -5.43 7.99
N GLY B 179 -34.24 -5.51 8.04
CA GLY B 179 -33.39 -4.38 7.69
C GLY B 179 -33.23 -3.34 8.78
N GLN B 180 -33.65 -3.64 9.99
CA GLN B 180 -33.53 -2.72 11.12
C GLN B 180 -32.52 -3.25 12.13
N GLN B 181 -32.10 -2.36 13.02
CA GLN B 181 -31.13 -2.71 14.06
C GLN B 181 -31.80 -3.58 15.10
N THR B 182 -31.58 -4.90 15.03
CA THR B 182 -32.10 -5.80 16.04
C THR B 182 -31.41 -5.57 17.38
N THR B 183 -30.09 -5.37 17.38
CA THR B 183 -29.36 -5.08 18.60
C THR B 183 -28.22 -4.12 18.27
N THR B 184 -27.93 -3.22 19.20
CA THR B 184 -26.85 -2.27 19.05
C THR B 184 -25.95 -2.31 20.28
N PHE B 185 -24.65 -2.09 20.06
CA PHE B 185 -23.65 -2.12 21.12
C PHE B 185 -22.85 -0.83 21.05
N THR B 186 -22.86 -0.06 22.14
CA THR B 186 -22.27 1.28 22.21
C THR B 186 -21.25 1.34 23.34
N GLY B 187 -20.41 0.32 23.44
CA GLY B 187 -19.47 0.23 24.53
C GLY B 187 -18.07 0.76 24.25
N HIS B 188 -17.54 0.46 23.07
CA HIS B 188 -16.17 0.84 22.74
C HIS B 188 -16.06 2.36 22.62
N THR B 189 -14.84 2.86 22.85
CA THR B 189 -14.53 4.28 22.74
C THR B 189 -13.80 4.64 21.45
N GLY B 190 -13.15 3.68 20.79
CA GLY B 190 -12.51 3.90 19.52
C GLY B 190 -13.19 3.13 18.40
N ASP B 191 -12.71 3.39 17.19
CA ASP B 191 -13.26 2.75 16.01
C ASP B 191 -13.02 1.24 16.06
N VAL B 192 -14.10 0.47 15.99
CA VAL B 192 -14.00 -0.98 16.07
C VAL B 192 -13.52 -1.51 14.73
N MET B 193 -12.43 -2.27 14.75
CA MET B 193 -11.74 -2.69 13.54
C MET B 193 -12.19 -4.06 13.04
N SER B 194 -12.30 -5.04 13.94
CA SER B 194 -12.66 -6.39 13.51
C SER B 194 -13.34 -7.12 14.65
N LEU B 195 -14.12 -8.13 14.29
CA LEU B 195 -14.77 -9.01 15.26
C LEU B 195 -14.62 -10.45 14.80
N SER B 196 -14.86 -11.37 15.72
CA SER B 196 -14.75 -12.80 15.44
C SER B 196 -15.84 -13.54 16.20
N LEU B 197 -16.55 -14.42 15.50
CA LEU B 197 -17.64 -15.17 16.08
C LEU B 197 -17.12 -16.43 16.77
N ALA B 198 -17.67 -16.73 17.94
CA ALA B 198 -17.33 -17.95 18.65
C ALA B 198 -17.93 -19.15 17.93
N PRO B 199 -17.34 -20.35 18.11
CA PRO B 199 -17.91 -21.54 17.47
C PRO B 199 -19.33 -21.86 17.95
N ASP B 200 -19.70 -21.42 19.16
CA ASP B 200 -21.04 -21.63 19.67
C ASP B 200 -21.99 -20.51 19.31
N THR B 201 -21.53 -19.52 18.54
CA THR B 201 -22.30 -18.41 17.95
C THR B 201 -23.17 -17.66 18.97
N ARG B 202 -22.93 -17.84 20.26
CA ARG B 202 -23.66 -17.10 21.27
C ARG B 202 -22.92 -15.87 21.76
N LEU B 203 -21.58 -15.92 21.78
CA LEU B 203 -20.76 -14.80 22.19
C LEU B 203 -19.89 -14.36 21.01
N PHE B 204 -19.46 -13.10 21.05
CA PHE B 204 -18.53 -12.65 20.03
C PHE B 204 -17.68 -11.51 20.58
N VAL B 205 -16.38 -11.56 20.28
CA VAL B 205 -15.42 -10.57 20.74
C VAL B 205 -15.19 -9.54 19.64
N SER B 206 -14.92 -8.30 20.05
CA SER B 206 -14.69 -7.21 19.11
C SER B 206 -13.62 -6.29 19.66
N GLY B 207 -12.65 -5.96 18.82
CA GLY B 207 -11.56 -5.05 19.18
C GLY B 207 -11.70 -3.73 18.46
N ALA B 208 -11.46 -2.64 19.20
CA ALA B 208 -11.62 -1.30 18.68
C ALA B 208 -10.26 -0.63 18.51
N CYS B 209 -10.28 0.60 17.99
CA CYS B 209 -9.05 1.38 17.86
C CYS B 209 -8.46 1.76 19.22
N ASP B 210 -9.23 1.64 20.29
CA ASP B 210 -8.70 1.84 21.63
C ASP B 210 -7.94 0.59 22.07
N ALA B 211 -7.42 0.63 23.29
CA ALA B 211 -6.69 -0.49 23.87
C ALA B 211 -7.61 -1.52 24.53
N SER B 212 -8.89 -1.53 24.17
CA SER B 212 -9.89 -2.37 24.82
C SER B 212 -10.54 -3.28 23.79
N ALA B 213 -10.72 -4.55 24.17
CA ALA B 213 -11.47 -5.52 23.39
C ALA B 213 -12.58 -6.08 24.25
N LYS B 214 -13.81 -6.04 23.74
CA LYS B 214 -14.99 -6.35 24.54
C LYS B 214 -15.72 -7.57 23.98
N LEU B 215 -16.22 -8.39 24.89
CA LEU B 215 -17.07 -9.53 24.53
C LEU B 215 -18.53 -9.14 24.65
N TRP B 216 -19.33 -9.60 23.69
CA TRP B 216 -20.74 -9.22 23.62
C TRP B 216 -21.60 -10.45 23.40
N ASP B 217 -22.83 -10.39 23.92
CA ASP B 217 -23.83 -11.43 23.77
C ASP B 217 -24.85 -11.00 22.73
N VAL B 218 -25.31 -11.96 21.92
CA VAL B 218 -26.32 -11.66 20.90
C VAL B 218 -27.73 -11.69 21.45
N ARG B 219 -27.92 -12.17 22.68
CA ARG B 219 -29.26 -12.28 23.27
C ARG B 219 -29.59 -11.07 24.14
N GLU B 220 -28.79 -10.82 25.17
CA GLU B 220 -29.07 -9.72 26.08
C GLU B 220 -28.61 -8.38 25.52
N GLY B 221 -27.57 -8.37 24.70
CA GLY B 221 -27.11 -7.15 24.08
C GLY B 221 -26.36 -6.22 25.02
N MET B 222 -25.27 -6.72 25.61
CA MET B 222 -24.45 -5.92 26.49
C MET B 222 -23.05 -6.52 26.55
N CYS B 223 -22.10 -5.72 27.04
CA CYS B 223 -20.73 -6.16 27.15
C CYS B 223 -20.58 -7.08 28.36
N ARG B 224 -20.08 -8.30 28.13
CA ARG B 224 -19.89 -9.23 29.22
C ARG B 224 -18.53 -9.05 29.89
N GLN B 225 -17.46 -9.08 29.11
CA GLN B 225 -16.11 -8.98 29.66
C GLN B 225 -15.31 -7.99 28.81
N THR B 226 -14.23 -7.49 29.39
CA THR B 226 -13.41 -6.45 28.79
C THR B 226 -11.94 -6.77 29.02
N PHE B 227 -11.11 -6.57 28.00
CA PHE B 227 -9.69 -6.84 28.06
C PHE B 227 -8.92 -5.60 27.62
N THR B 228 -7.99 -5.15 28.46
CA THR B 228 -7.19 -3.96 28.19
C THR B 228 -5.71 -4.27 28.30
N GLY B 229 -5.29 -5.37 27.67
CA GLY B 229 -3.89 -5.77 27.70
C GLY B 229 -3.07 -5.12 26.60
N HIS B 230 -3.72 -4.77 25.49
CA HIS B 230 -3.01 -4.17 24.38
C HIS B 230 -2.70 -2.70 24.68
N GLU B 231 -1.83 -2.12 23.85
CA GLU B 231 -1.38 -0.75 24.03
C GLU B 231 -1.67 0.16 22.85
N SER B 232 -1.99 -0.39 21.68
CA SER B 232 -2.19 0.40 20.47
C SER B 232 -3.53 0.02 19.85
N ASP B 233 -3.77 0.51 18.64
CA ASP B 233 -5.03 0.24 17.96
C ASP B 233 -5.16 -1.23 17.61
N ILE B 234 -6.14 -1.89 18.21
CA ILE B 234 -6.39 -3.31 17.95
C ILE B 234 -7.06 -3.43 16.59
N ASN B 235 -6.34 -4.02 15.63
CA ASN B 235 -6.86 -4.18 14.27
C ASN B 235 -7.22 -5.61 13.91
N ALA B 236 -6.64 -6.60 14.57
CA ALA B 236 -6.89 -8.00 14.27
C ALA B 236 -7.43 -8.72 15.49
N ILE B 237 -8.27 -9.73 15.25
CA ILE B 237 -8.92 -10.46 16.33
C ILE B 237 -9.43 -11.78 15.76
N CYS B 238 -9.36 -12.83 16.58
CA CYS B 238 -9.87 -14.14 16.20
C CYS B 238 -10.05 -14.99 17.44
N PHE B 239 -11.13 -15.77 17.46
CA PHE B 239 -11.44 -16.62 18.60
C PHE B 239 -10.80 -17.99 18.45
N PHE B 240 -10.54 -18.63 19.58
CA PHE B 240 -9.97 -19.97 19.57
C PHE B 240 -11.01 -20.98 19.09
N PRO B 241 -10.59 -22.06 18.42
CA PRO B 241 -11.56 -23.04 17.93
C PRO B 241 -12.46 -23.63 19.02
N ASN B 242 -12.03 -23.63 20.28
CA ASN B 242 -12.86 -24.14 21.36
C ASN B 242 -13.85 -23.12 21.90
N GLY B 243 -13.60 -21.83 21.66
CA GLY B 243 -14.49 -20.78 22.13
C GLY B 243 -14.17 -20.20 23.48
N ASN B 244 -13.08 -20.64 24.11
CA ASN B 244 -12.71 -20.15 25.43
C ASN B 244 -11.63 -19.07 25.40
N ALA B 245 -10.91 -18.94 24.29
CA ALA B 245 -9.82 -17.96 24.20
C ALA B 245 -9.94 -17.21 22.89
N PHE B 246 -9.12 -16.17 22.74
CA PHE B 246 -9.09 -15.39 21.51
C PHE B 246 -7.80 -14.58 21.46
N ALA B 247 -7.26 -14.45 20.25
CA ALA B 247 -6.04 -13.68 20.02
C ALA B 247 -6.37 -12.33 19.41
N THR B 248 -5.54 -11.33 19.71
CA THR B 248 -5.71 -9.98 19.22
C THR B 248 -4.38 -9.45 18.73
N GLY B 249 -4.43 -8.57 17.74
CA GLY B 249 -3.24 -7.94 17.21
C GLY B 249 -3.44 -6.44 17.08
N SER B 250 -2.35 -5.71 17.33
CA SER B 250 -2.37 -4.25 17.32
C SER B 250 -1.16 -3.73 16.55
N ASP B 251 -1.10 -2.42 16.37
CA ASP B 251 -0.02 -1.79 15.64
C ASP B 251 1.30 -1.77 16.40
N ASP B 252 1.30 -2.19 17.67
CA ASP B 252 2.52 -2.20 18.46
C ASP B 252 3.39 -3.43 18.19
N ALA B 253 3.15 -4.14 17.08
CA ALA B 253 3.88 -5.35 16.71
C ALA B 253 3.77 -6.44 17.77
N THR B 254 2.64 -6.52 18.46
CA THR B 254 2.47 -7.48 19.55
C THR B 254 1.09 -8.12 19.44
N CYS B 255 1.08 -9.45 19.45
CA CYS B 255 -0.14 -10.23 19.56
C CYS B 255 -0.35 -10.66 21.02
N ARG B 256 -1.61 -10.71 21.43
CA ARG B 256 -1.95 -11.04 22.80
C ARG B 256 -3.08 -12.04 22.82
N LEU B 257 -2.92 -13.12 23.58
CA LEU B 257 -3.93 -14.15 23.71
C LEU B 257 -4.64 -13.98 25.05
N PHE B 258 -5.94 -13.70 25.00
CA PHE B 258 -6.78 -13.56 26.18
C PHE B 258 -7.71 -14.74 26.31
N ASP B 259 -8.17 -14.98 27.54
CA ASP B 259 -9.13 -16.03 27.85
C ASP B 259 -10.42 -15.41 28.32
N LEU B 260 -11.55 -15.98 27.87
CA LEU B 260 -12.84 -15.49 28.33
C LEU B 260 -13.10 -15.87 29.78
N ARG B 261 -12.55 -16.98 30.25
CA ARG B 261 -12.76 -17.42 31.62
C ARG B 261 -11.77 -16.80 32.59
N ALA B 262 -10.50 -16.68 32.19
CA ALA B 262 -9.50 -16.10 33.08
C ALA B 262 -9.60 -14.58 33.10
N ASP B 263 -10.12 -13.97 32.04
CA ASP B 263 -10.32 -12.52 31.96
C ASP B 263 -9.01 -11.76 32.15
N GLN B 264 -7.97 -12.23 31.48
CA GLN B 264 -6.66 -11.60 31.52
C GLN B 264 -5.80 -12.17 30.40
N GLU B 265 -4.68 -11.52 30.14
CA GLU B 265 -3.77 -11.95 29.08
C GLU B 265 -3.04 -13.22 29.48
N LEU B 266 -2.93 -14.15 28.52
CA LEU B 266 -2.22 -15.40 28.73
C LEU B 266 -0.83 -15.42 28.11
N MET B 267 -0.70 -15.06 26.84
CA MET B 267 0.59 -15.05 26.17
C MET B 267 0.72 -13.80 25.32
N THR B 268 1.97 -13.35 25.16
CA THR B 268 2.31 -12.21 24.31
C THR B 268 3.32 -12.65 23.28
N TYR B 269 2.94 -12.56 22.01
CA TYR B 269 3.81 -12.91 20.89
C TYR B 269 4.38 -11.64 20.29
N SER B 270 5.70 -11.50 20.35
CA SER B 270 6.35 -10.32 19.80
C SER B 270 7.81 -10.64 19.56
N HIS B 271 8.46 -9.78 18.76
CA HIS B 271 9.88 -9.93 18.45
C HIS B 271 10.46 -8.55 18.22
N ASP B 272 11.68 -8.34 18.71
CA ASP B 272 12.32 -7.03 18.56
C ASP B 272 12.62 -6.73 17.10
N ASN B 273 12.84 -7.76 16.28
CA ASN B 273 13.04 -7.54 14.85
C ASN B 273 11.74 -7.21 14.13
N ILE B 274 10.60 -7.60 14.68
CA ILE B 274 9.30 -7.25 14.11
C ILE B 274 8.85 -5.93 14.72
N ILE B 275 8.87 -4.86 13.93
CA ILE B 275 8.48 -3.54 14.39
C ILE B 275 7.28 -2.98 13.62
N CYS B 276 6.69 -3.75 12.73
CA CYS B 276 5.57 -3.29 11.92
C CYS B 276 4.24 -3.67 12.57
N GLY B 277 3.17 -3.08 12.06
CA GLY B 277 1.83 -3.36 12.56
C GLY B 277 1.33 -4.72 12.10
N ILE B 278 0.22 -5.12 12.69
CA ILE B 278 -0.44 -6.38 12.39
C ILE B 278 -1.80 -6.10 11.79
N THR B 279 -2.21 -6.92 10.82
CA THR B 279 -3.45 -6.72 10.10
C THR B 279 -4.48 -7.82 10.35
N SER B 280 -4.06 -9.08 10.28
CA SER B 280 -4.99 -10.19 10.42
C SER B 280 -4.41 -11.23 11.37
N VAL B 281 -5.30 -11.87 12.13
CA VAL B 281 -4.93 -12.91 13.07
C VAL B 281 -5.95 -14.02 12.97
N SER B 282 -5.47 -15.27 12.99
CA SER B 282 -6.35 -16.43 12.90
C SER B 282 -5.62 -17.65 13.45
N PHE B 283 -6.41 -18.64 13.87
CA PHE B 283 -5.90 -19.88 14.42
C PHE B 283 -6.05 -21.01 13.41
N SER B 284 -5.31 -22.09 13.66
CA SER B 284 -5.37 -23.28 12.82
C SER B 284 -6.58 -24.12 13.21
N LYS B 285 -6.64 -25.35 12.69
CA LYS B 285 -7.74 -26.25 13.04
C LYS B 285 -7.68 -26.63 14.51
N SER B 286 -6.53 -27.11 14.98
CA SER B 286 -6.35 -27.47 16.37
C SER B 286 -5.97 -26.30 17.26
N GLY B 287 -5.69 -25.13 16.68
CA GLY B 287 -5.28 -23.98 17.45
C GLY B 287 -3.83 -23.99 17.87
N ARG B 288 -3.03 -24.95 17.41
CA ARG B 288 -1.63 -25.00 17.81
C ARG B 288 -0.82 -23.88 17.17
N LEU B 289 -1.22 -23.42 15.98
CA LEU B 289 -0.52 -22.38 15.25
C LEU B 289 -1.36 -21.11 15.20
N LEU B 290 -0.67 -19.97 15.13
CA LEU B 290 -1.30 -18.65 15.06
C LEU B 290 -0.67 -17.90 13.89
N LEU B 291 -1.43 -17.74 12.81
CA LEU B 291 -0.94 -17.05 11.62
C LEU B 291 -1.34 -15.58 11.69
N ALA B 292 -0.35 -14.69 11.69
CA ALA B 292 -0.58 -13.26 11.80
C ALA B 292 0.17 -12.55 10.69
N GLY B 293 -0.55 -11.75 9.90
CA GLY B 293 0.07 -10.98 8.84
C GLY B 293 0.53 -9.63 9.34
N TYR B 294 1.78 -9.29 9.03
CA TYR B 294 2.38 -8.04 9.48
C TYR B 294 2.62 -7.12 8.29
N ASP B 295 3.01 -5.88 8.58
CA ASP B 295 3.27 -4.89 7.55
C ASP B 295 4.66 -5.02 6.95
N ASP B 296 5.41 -6.08 7.29
CA ASP B 296 6.70 -6.36 6.67
C ASP B 296 6.57 -7.17 5.39
N PHE B 297 5.41 -7.12 4.74
CA PHE B 297 5.12 -7.82 3.49
C PHE B 297 5.08 -9.33 3.66
N ASN B 298 4.73 -9.83 4.85
CA ASN B 298 4.70 -11.26 5.08
C ASN B 298 3.80 -11.58 6.26
N CYS B 299 3.69 -12.88 6.54
CA CYS B 299 2.96 -13.41 7.67
C CYS B 299 3.85 -14.33 8.49
N ASN B 300 3.63 -14.34 9.80
CA ASN B 300 4.39 -15.17 10.72
C ASN B 300 3.46 -16.19 11.38
N VAL B 301 3.97 -17.42 11.54
CA VAL B 301 3.22 -18.49 12.18
C VAL B 301 3.81 -18.77 13.55
N TRP B 302 3.23 -18.14 14.57
CA TRP B 302 3.71 -18.34 15.94
C TRP B 302 3.09 -19.61 16.54
N ASP B 303 3.74 -20.12 17.57
CA ASP B 303 3.23 -21.25 18.34
C ASP B 303 2.33 -20.71 19.45
N ALA B 304 1.07 -21.11 19.45
CA ALA B 304 0.10 -20.61 20.42
C ALA B 304 0.46 -21.01 21.85
N LEU B 305 1.35 -21.99 22.02
CA LEU B 305 1.75 -22.43 23.35
C LEU B 305 3.19 -22.11 23.69
N LYS B 306 4.06 -21.92 22.69
CA LYS B 306 5.47 -21.65 22.93
C LYS B 306 5.89 -20.23 22.62
N ALA B 307 5.12 -19.50 21.81
CA ALA B 307 5.38 -18.10 21.47
C ALA B 307 6.76 -17.95 20.80
N ASP B 308 6.90 -18.60 19.65
CA ASP B 308 8.11 -18.48 18.84
C ASP B 308 7.72 -18.63 17.38
N ARG B 309 8.28 -17.77 16.53
CA ARG B 309 7.98 -17.80 15.10
C ARG B 309 8.44 -19.10 14.47
N ALA B 310 7.49 -19.92 14.01
CA ALA B 310 7.80 -21.21 13.42
C ALA B 310 8.04 -21.12 11.92
N GLY B 311 7.27 -20.28 11.23
CA GLY B 311 7.41 -20.15 9.78
C GLY B 311 7.08 -18.75 9.33
N VAL B 312 7.63 -18.39 8.17
CA VAL B 312 7.43 -17.09 7.56
C VAL B 312 6.91 -17.29 6.14
N LEU B 313 5.78 -16.69 5.82
CA LEU B 313 5.19 -16.74 4.49
C LEU B 313 5.35 -15.34 3.88
N ALA B 314 6.31 -15.20 2.97
CA ALA B 314 6.65 -13.93 2.35
C ALA B 314 6.49 -13.95 0.84
N GLY B 315 5.46 -14.64 0.32
CA GLY B 315 5.26 -14.69 -1.11
C GLY B 315 4.72 -13.40 -1.69
N HIS B 316 4.15 -12.55 -0.85
CA HIS B 316 3.54 -11.30 -1.31
C HIS B 316 4.60 -10.23 -1.53
N ASP B 317 4.16 -9.12 -2.13
CA ASP B 317 5.02 -7.97 -2.38
C ASP B 317 4.55 -6.72 -1.65
N ASN B 318 3.46 -6.79 -0.90
CA ASN B 318 2.94 -5.65 -0.16
C ASN B 318 2.44 -6.14 1.19
N ARG B 319 1.90 -5.21 1.98
CA ARG B 319 1.39 -5.56 3.30
C ARG B 319 0.17 -6.47 3.17
N VAL B 320 0.17 -7.55 3.94
CA VAL B 320 -0.93 -8.51 3.92
C VAL B 320 -2.14 -7.89 4.63
N SER B 321 -3.27 -7.85 3.94
CA SER B 321 -4.47 -7.21 4.47
C SER B 321 -5.44 -8.19 5.13
N CYS B 322 -5.52 -9.43 4.65
CA CYS B 322 -6.49 -10.38 5.18
C CYS B 322 -5.87 -11.76 5.20
N LEU B 323 -6.29 -12.56 6.18
CA LEU B 323 -5.78 -13.91 6.36
C LEU B 323 -6.94 -14.82 6.78
N GLY B 324 -7.08 -15.96 6.12
CA GLY B 324 -8.18 -16.85 6.39
C GLY B 324 -7.82 -18.32 6.40
N VAL B 325 -8.32 -19.04 7.39
CA VAL B 325 -8.11 -20.48 7.54
C VAL B 325 -9.44 -21.19 7.34
N THR B 326 -9.39 -22.34 6.66
CA THR B 326 -10.60 -23.12 6.41
C THR B 326 -11.15 -23.72 7.70
N ASP B 327 -12.35 -24.31 7.60
CA ASP B 327 -12.96 -24.93 8.76
C ASP B 327 -12.19 -26.15 9.24
N ASP B 328 -11.54 -26.86 8.32
CA ASP B 328 -10.77 -28.04 8.68
C ASP B 328 -9.26 -27.77 8.75
N GLY B 329 -8.82 -26.59 8.35
CA GLY B 329 -7.40 -26.28 8.35
C GLY B 329 -6.61 -26.89 7.21
N MET B 330 -7.28 -27.24 6.11
CA MET B 330 -6.56 -27.87 5.00
C MET B 330 -5.64 -26.90 4.29
N ALA B 331 -6.01 -25.63 4.20
CA ALA B 331 -5.18 -24.64 3.54
C ALA B 331 -5.46 -23.27 4.15
N VAL B 332 -4.56 -22.33 3.87
CA VAL B 332 -4.66 -20.96 4.36
C VAL B 332 -4.58 -20.03 3.16
N ALA B 333 -5.26 -18.88 3.27
CA ALA B 333 -5.24 -17.88 2.21
C ALA B 333 -4.80 -16.54 2.79
N THR B 334 -3.92 -15.85 2.08
CA THR B 334 -3.43 -14.54 2.49
C THR B 334 -3.62 -13.57 1.34
N GLY B 335 -4.38 -12.50 1.57
CA GLY B 335 -4.60 -11.46 0.59
C GLY B 335 -3.91 -10.17 1.02
N SER B 336 -3.11 -9.62 0.12
CA SER B 336 -2.34 -8.42 0.37
C SER B 336 -2.77 -7.31 -0.59
N TRP B 337 -2.18 -6.13 -0.42
CA TRP B 337 -2.53 -4.97 -1.22
C TRP B 337 -1.95 -5.03 -2.63
N ASP B 338 -1.17 -6.05 -2.96
CA ASP B 338 -0.64 -6.21 -4.31
C ASP B 338 -1.63 -6.84 -5.28
N SER B 339 -2.92 -6.91 -4.91
CA SER B 339 -3.99 -7.48 -5.72
C SER B 339 -3.76 -8.95 -6.07
N PHE B 340 -3.06 -9.69 -5.22
CA PHE B 340 -2.87 -11.13 -5.41
C PHE B 340 -3.11 -11.85 -4.10
N LEU B 341 -3.72 -13.03 -4.20
CA LEU B 341 -3.97 -13.89 -3.04
C LEU B 341 -3.08 -15.12 -3.12
N LYS B 342 -2.35 -15.38 -2.05
CA LYS B 342 -1.45 -16.53 -1.97
C LYS B 342 -2.09 -17.61 -1.12
N ILE B 343 -2.14 -18.83 -1.66
CA ILE B 343 -2.67 -19.99 -0.96
C ILE B 343 -1.50 -20.82 -0.45
N TRP B 344 -1.43 -21.00 0.86
CA TRP B 344 -0.38 -21.77 1.51
C TRP B 344 -0.94 -23.05 2.09
N ASN B 345 -0.11 -24.09 2.10
CA ASN B 345 -0.52 -25.40 2.62
C ASN B 345 0.68 -26.14 3.20
N THR C 6 -21.91 18.83 30.08
CA THR C 6 -22.91 18.71 31.14
C THR C 6 -23.54 17.33 31.15
N ALA C 7 -23.26 16.55 30.11
CA ALA C 7 -23.82 15.21 29.99
C ALA C 7 -22.88 14.11 30.50
N SER C 8 -21.60 14.43 30.72
CA SER C 8 -20.65 13.43 31.18
C SER C 8 -21.08 12.78 32.49
N ILE C 9 -21.71 13.54 33.39
CA ILE C 9 -22.19 12.99 34.65
C ILE C 9 -23.05 11.75 34.42
N ALA C 10 -23.77 11.70 33.29
CA ALA C 10 -24.44 10.48 32.91
C ALA C 10 -23.46 9.45 32.37
N GLN C 11 -22.75 9.79 31.29
CA GLN C 11 -21.86 8.82 30.63
C GLN C 11 -20.90 8.20 31.63
N ALA C 12 -20.19 9.04 32.40
CA ALA C 12 -19.28 8.54 33.42
C ALA C 12 -19.96 7.50 34.29
N ARG C 13 -21.12 7.85 34.86
CA ARG C 13 -21.81 6.89 35.73
C ARG C 13 -22.12 5.61 34.96
N LYS C 14 -22.56 5.73 33.71
CA LYS C 14 -22.78 4.55 32.88
C LYS C 14 -21.56 3.66 32.91
N LEU C 15 -20.39 4.22 32.60
CA LEU C 15 -19.15 3.46 32.65
C LEU C 15 -19.02 2.69 33.95
N VAL C 16 -19.18 3.38 35.09
CA VAL C 16 -18.92 2.73 36.37
C VAL C 16 -19.88 1.57 36.58
N GLU C 17 -21.14 1.73 36.12
CA GLU C 17 -22.08 0.61 36.22
C GLU C 17 -21.54 -0.58 35.45
N GLN C 18 -21.15 -0.37 34.19
CA GLN C 18 -20.60 -1.47 33.40
C GLN C 18 -19.48 -2.17 34.17
N LEU C 19 -18.71 -1.39 34.93
CA LEU C 19 -17.58 -1.96 35.66
C LEU C 19 -18.03 -3.06 36.62
N LYS C 20 -19.09 -2.82 37.38
CA LYS C 20 -19.54 -3.84 38.32
C LYS C 20 -20.21 -5.00 37.60
N MET C 21 -20.74 -4.74 36.39
CA MET C 21 -21.22 -5.85 35.58
C MET C 21 -20.08 -6.66 35.00
N GLU C 22 -18.86 -6.11 35.03
CA GLU C 22 -17.68 -6.92 34.78
C GLU C 22 -17.07 -7.45 36.07
N ALA C 23 -17.61 -7.07 37.23
CA ALA C 23 -17.07 -7.54 38.49
C ALA C 23 -17.72 -8.84 38.93
N ASN C 24 -19.05 -8.94 38.81
CA ASN C 24 -19.78 -10.13 39.22
C ASN C 24 -19.54 -11.23 38.19
N ILE C 25 -18.41 -11.92 38.35
CA ILE C 25 -17.98 -12.94 37.40
C ILE C 25 -17.09 -13.92 38.13
N ASP C 26 -17.24 -15.21 37.80
CA ASP C 26 -16.38 -16.24 38.36
C ASP C 26 -15.13 -16.37 37.50
N ARG C 27 -13.97 -16.15 38.11
CA ARG C 27 -12.69 -16.22 37.40
C ARG C 27 -11.95 -17.48 37.83
N ILE C 28 -11.60 -18.32 36.87
CA ILE C 28 -10.87 -19.55 37.11
C ILE C 28 -9.37 -19.24 37.17
N LYS C 29 -8.58 -20.20 37.65
CA LYS C 29 -7.14 -20.02 37.71
C LYS C 29 -6.54 -20.05 36.30
N VAL C 30 -5.37 -19.42 36.17
CA VAL C 30 -4.69 -19.38 34.88
C VAL C 30 -4.14 -20.76 34.51
N SER C 31 -3.76 -21.55 35.52
CA SER C 31 -3.31 -22.91 35.25
C SER C 31 -4.44 -23.77 34.70
N LYS C 32 -5.67 -23.53 35.15
CA LYS C 32 -6.82 -24.24 34.60
C LYS C 32 -6.98 -23.95 33.11
N ALA C 33 -6.89 -22.68 32.73
CA ALA C 33 -6.99 -22.31 31.31
C ALA C 33 -5.83 -22.89 30.52
N ALA C 34 -4.63 -22.90 31.11
CA ALA C 34 -3.47 -23.48 30.45
C ALA C 34 -3.69 -24.96 30.17
N ALA C 35 -4.15 -25.70 31.19
CA ALA C 35 -4.41 -27.14 31.01
C ALA C 35 -5.49 -27.38 29.97
N ASP C 36 -6.57 -26.58 30.00
CA ASP C 36 -7.64 -26.76 29.03
C ASP C 36 -7.13 -26.49 27.61
N LEU C 37 -6.34 -25.45 27.41
CA LEU C 37 -5.84 -25.13 26.08
C LEU C 37 -4.88 -26.20 25.59
N MET C 38 -3.99 -26.68 26.45
CA MET C 38 -3.06 -27.73 26.04
C MET C 38 -3.80 -29.03 25.74
N ALA C 39 -4.86 -29.33 26.49
CA ALA C 39 -5.64 -30.53 26.21
C ALA C 39 -6.38 -30.41 24.88
N TYR C 40 -6.96 -29.24 24.61
CA TYR C 40 -7.64 -29.04 23.34
C TYR C 40 -6.67 -29.09 22.16
N CYS C 41 -5.43 -28.64 22.37
CA CYS C 41 -4.43 -28.70 21.32
C CYS C 41 -3.93 -30.13 21.12
N GLU C 42 -3.84 -30.90 22.20
CA GLU C 42 -3.37 -32.27 22.13
C GLU C 42 -4.41 -33.23 21.54
N ALA C 43 -5.69 -32.95 21.74
CA ALA C 43 -6.73 -33.83 21.24
C ALA C 43 -6.87 -33.71 19.72
N HIS C 44 -6.95 -32.49 19.21
CA HIS C 44 -7.12 -32.24 17.78
C HIS C 44 -5.81 -32.12 17.04
N ALA C 45 -4.69 -32.50 17.65
CA ALA C 45 -3.40 -32.37 17.00
C ALA C 45 -3.31 -33.25 15.76
N LYS C 46 -3.92 -34.43 15.80
CA LYS C 46 -3.88 -35.32 14.64
C LYS C 46 -4.76 -34.81 13.51
N GLU C 47 -5.82 -34.08 13.84
CA GLU C 47 -6.76 -33.58 12.84
C GLU C 47 -6.38 -32.21 12.30
N ASP C 48 -5.10 -31.83 12.41
CA ASP C 48 -4.64 -30.53 11.93
C ASP C 48 -3.75 -30.71 10.71
N PRO C 49 -4.22 -30.37 9.50
CA PRO C 49 -3.34 -30.48 8.32
C PRO C 49 -2.16 -29.53 8.37
N LEU C 50 -2.30 -28.38 9.03
CA LEU C 50 -1.17 -27.45 9.14
C LEU C 50 -0.13 -27.96 10.12
N LEU C 51 -0.56 -28.49 11.26
CA LEU C 51 0.38 -29.06 12.22
C LEU C 51 0.99 -30.36 11.71
N THR C 52 0.17 -31.21 11.08
CA THR C 52 0.63 -32.47 10.49
C THR C 52 0.30 -32.44 9.01
N PRO C 53 1.29 -32.21 8.16
CA PRO C 53 1.02 -32.14 6.71
C PRO C 53 0.49 -33.46 6.18
N VAL C 54 -0.67 -33.40 5.55
CA VAL C 54 -1.31 -34.58 4.98
C VAL C 54 -0.53 -35.02 3.74
N PRO C 55 -0.49 -36.31 3.41
CA PRO C 55 0.22 -36.74 2.21
C PRO C 55 -0.42 -36.18 0.94
N ALA C 56 0.29 -36.37 -0.18
CA ALA C 56 -0.20 -35.89 -1.47
C ALA C 56 -1.52 -36.55 -1.85
N SER C 57 -1.74 -37.80 -1.42
CA SER C 57 -2.99 -38.48 -1.74
C SER C 57 -4.17 -37.81 -1.04
N GLU C 58 -3.99 -37.41 0.22
CA GLU C 58 -5.08 -36.79 0.97
C GLU C 58 -5.18 -35.30 0.70
N ASN C 59 -4.07 -34.65 0.35
CA ASN C 59 -4.08 -33.21 0.11
C ASN C 59 -4.76 -32.89 -1.21
N PRO C 60 -5.81 -32.08 -1.24
CA PRO C 60 -6.49 -31.76 -2.51
C PRO C 60 -5.78 -30.71 -3.33
N PHE C 61 -4.70 -30.12 -2.84
CA PHE C 61 -3.96 -29.08 -3.55
C PHE C 61 -2.71 -29.60 -4.24
N ARG C 62 -1.91 -30.40 -3.54
CA ARG C 62 -0.67 -30.98 -4.08
C ARG C 62 0.27 -29.90 -4.60
N GLN D 1 -2.98 -1.75 31.20
CA GLN D 1 -3.96 -0.85 30.60
C GLN D 1 -3.38 0.54 30.40
N VAL D 2 -3.65 1.14 29.24
CA VAL D 2 -3.14 2.47 28.94
C VAL D 2 -3.77 3.47 29.89
N GLN D 3 -2.92 4.16 30.67
CA GLN D 3 -3.39 5.14 31.63
C GLN D 3 -2.43 6.33 31.64
N LEU D 4 -2.99 7.53 31.51
CA LEU D 4 -2.21 8.76 31.57
C LEU D 4 -2.83 9.65 32.64
N GLN D 5 -2.06 9.93 33.69
CA GLN D 5 -2.54 10.71 34.82
C GLN D 5 -1.72 12.00 34.92
N GLU D 6 -2.39 13.14 34.84
CA GLU D 6 -1.72 14.43 34.91
C GLU D 6 -1.87 15.03 36.30
N SER D 7 -0.86 15.80 36.71
CA SER D 7 -0.86 16.43 38.02
C SER D 7 -0.69 17.94 37.85
N GLY D 8 -0.77 18.65 38.97
CA GLY D 8 -0.65 20.09 38.94
C GLY D 8 -1.91 20.77 38.42
N GLY D 9 -1.76 22.05 38.09
CA GLY D 9 -2.86 22.83 37.57
C GLY D 9 -3.45 23.74 38.64
N GLY D 10 -4.77 23.86 38.64
CA GLY D 10 -5.45 24.71 39.60
C GLY D 10 -5.62 26.12 39.08
N LEU D 11 -5.24 27.10 39.89
CA LEU D 11 -5.32 28.52 39.54
C LEU D 11 -3.95 29.14 39.73
N VAL D 12 -3.50 29.90 38.72
CA VAL D 12 -2.21 30.56 38.78
C VAL D 12 -2.35 31.99 38.30
N GLN D 13 -1.52 32.87 38.86
CA GLN D 13 -1.56 34.27 38.48
C GLN D 13 -0.95 34.47 37.09
N PRO D 14 -1.41 35.47 36.34
CA PRO D 14 -0.83 35.72 35.02
C PRO D 14 0.60 36.25 35.13
N GLY D 15 1.41 35.90 34.14
CA GLY D 15 2.80 36.30 34.12
C GLY D 15 3.74 35.42 34.93
N GLY D 16 3.22 34.51 35.74
CA GLY D 16 4.04 33.64 36.55
C GLY D 16 4.51 32.42 35.78
N SER D 17 4.89 31.40 36.55
CA SER D 17 5.37 30.14 35.98
C SER D 17 4.65 28.98 36.64
N LEU D 18 4.45 27.91 35.85
CA LEU D 18 3.76 26.73 36.34
C LEU D 18 4.36 25.51 35.67
N ARG D 19 4.12 24.35 36.26
CA ARG D 19 4.64 23.09 35.73
C ARG D 19 3.55 22.04 35.76
N LEU D 20 3.32 21.38 34.64
CA LEU D 20 2.35 20.30 34.52
C LEU D 20 3.08 19.00 34.20
N SER D 21 2.86 17.98 35.02
CA SER D 21 3.50 16.68 34.86
C SER D 21 2.46 15.63 34.47
N CYS D 22 2.93 14.59 33.79
CA CYS D 22 2.07 13.50 33.34
C CYS D 22 2.80 12.18 33.49
N ALA D 23 2.16 11.22 34.16
CA ALA D 23 2.69 9.89 34.35
C ALA D 23 1.92 8.91 33.48
N ALA D 24 2.65 8.03 32.80
CA ALA D 24 2.08 7.07 31.88
C ALA D 24 2.31 5.64 32.39
N SER D 25 1.33 4.78 32.14
CA SER D 25 1.41 3.39 32.57
C SER D 25 0.65 2.51 31.60
N GLY D 26 1.10 1.26 31.49
CA GLY D 26 0.45 0.28 30.65
C GLY D 26 1.04 0.08 29.27
N PHE D 27 2.23 0.62 29.01
CA PHE D 27 2.88 0.49 27.71
C PHE D 27 4.34 0.91 27.86
N THR D 28 5.04 0.97 26.73
CA THR D 28 6.43 1.44 26.68
C THR D 28 6.42 2.90 26.26
N PHE D 29 6.64 3.79 27.24
CA PHE D 29 6.57 5.22 26.98
C PHE D 29 7.70 5.68 26.07
N SER D 30 8.80 4.96 26.03
CA SER D 30 9.98 5.37 25.26
C SER D 30 9.81 5.16 23.76
N ASN D 31 8.71 4.55 23.32
CA ASN D 31 8.54 4.23 21.90
C ASN D 31 7.47 5.06 21.21
N TYR D 32 6.76 5.93 21.94
CA TYR D 32 5.64 6.67 21.38
C TYR D 32 5.90 8.17 21.42
N LYS D 33 5.38 8.86 20.40
CA LYS D 33 5.46 10.32 20.34
C LYS D 33 4.37 10.94 21.19
N MET D 34 4.68 12.09 21.79
CA MET D 34 3.77 12.75 22.71
C MET D 34 3.37 14.13 22.17
N ASN D 35 2.16 14.54 22.53
CA ASN D 35 1.64 15.85 22.15
C ASN D 35 0.84 16.43 23.30
N TRP D 36 0.72 17.75 23.30
CA TRP D 36 -0.08 18.47 24.30
C TRP D 36 -1.20 19.23 23.61
N VAL D 37 -2.42 19.10 24.16
CA VAL D 37 -3.59 19.77 23.62
C VAL D 37 -4.24 20.56 24.74
N ARG D 38 -5.05 21.54 24.37
CA ARG D 38 -5.79 22.35 25.35
C ARG D 38 -7.18 22.64 24.83
N GLN D 39 -8.15 22.65 25.74
CA GLN D 39 -9.55 22.92 25.41
C GLN D 39 -10.02 24.12 26.23
N ALA D 40 -10.46 25.17 25.55
CA ALA D 40 -10.98 26.35 26.19
C ALA D 40 -12.50 26.25 26.36
N PRO D 41 -13.05 26.92 27.36
CA PRO D 41 -14.51 26.91 27.55
C PRO D 41 -15.22 27.51 26.34
N GLY D 42 -16.03 26.69 25.67
CA GLY D 42 -16.70 27.12 24.47
C GLY D 42 -15.85 27.10 23.22
N LYS D 43 -14.77 26.32 23.22
CA LYS D 43 -13.86 26.24 22.08
C LYS D 43 -13.49 24.79 21.84
N GLY D 44 -12.79 24.55 20.73
CA GLY D 44 -12.31 23.22 20.41
C GLY D 44 -10.93 22.96 20.96
N LEU D 45 -10.43 21.75 20.71
CA LEU D 45 -9.11 21.37 21.17
C LEU D 45 -8.04 22.13 20.39
N GLU D 46 -6.92 22.40 21.07
CA GLU D 46 -5.86 23.23 20.52
C GLU D 46 -4.52 22.60 20.83
N TRP D 47 -3.83 22.12 19.79
CA TRP D 47 -2.49 21.58 19.95
C TRP D 47 -1.51 22.72 20.22
N VAL D 48 -0.62 22.51 21.19
CA VAL D 48 0.30 23.57 21.59
C VAL D 48 1.75 23.15 21.42
N SER D 49 2.02 21.85 21.52
CA SER D 49 3.41 21.39 21.47
C SER D 49 3.44 19.89 21.24
N ASP D 50 4.59 19.41 20.76
CA ASP D 50 4.82 17.98 20.59
C ASP D 50 6.25 17.66 20.99
N ILE D 51 6.52 16.36 21.12
CA ILE D 51 7.88 15.87 21.42
C ILE D 51 8.00 14.44 20.92
N SER D 52 9.15 14.11 20.33
CA SER D 52 9.37 12.80 19.74
C SER D 52 9.73 11.80 20.84
N GLN D 53 10.21 10.61 20.43
CA GLN D 53 10.52 9.57 21.39
C GLN D 53 11.74 9.94 22.23
N SER D 54 12.87 10.21 21.58
CA SER D 54 14.10 10.57 22.26
C SER D 54 14.33 12.07 22.30
N GLY D 55 13.31 12.88 22.01
CA GLY D 55 13.44 14.30 22.05
C GLY D 55 14.28 14.92 20.96
N ALA D 56 14.49 14.21 19.85
CA ALA D 56 15.31 14.75 18.77
C ALA D 56 14.59 15.86 18.02
N SER D 57 13.27 15.78 17.93
CA SER D 57 12.47 16.80 17.25
C SER D 57 11.42 17.33 18.21
N ILE D 58 11.44 18.63 18.45
CA ILE D 58 10.49 19.30 19.34
C ILE D 58 9.90 20.49 18.60
N SER D 59 8.59 20.64 18.67
CA SER D 59 7.92 21.71 17.96
C SER D 59 6.79 22.28 18.80
N TYR D 60 6.51 23.57 18.59
CA TYR D 60 5.42 24.27 19.27
C TYR D 60 4.66 25.09 18.24
N THR D 61 3.43 25.46 18.59
CA THR D 61 2.66 26.33 17.72
C THR D 61 3.15 27.77 17.83
N GLY D 62 2.68 28.61 16.91
CA GLY D 62 3.07 30.01 16.92
C GLY D 62 2.57 30.79 18.12
N SER D 63 1.49 30.33 18.75
CA SER D 63 0.91 31.04 19.88
C SER D 63 1.73 30.90 21.16
N VAL D 64 2.48 29.81 21.30
CA VAL D 64 3.23 29.55 22.53
C VAL D 64 4.69 29.27 22.20
N LYS D 65 5.12 29.68 21.01
CA LYS D 65 6.49 29.44 20.58
C LYS D 65 7.49 30.18 21.47
N GLY D 66 8.36 29.44 22.14
CA GLY D 66 9.38 30.03 23.00
C GLY D 66 9.02 30.17 24.47
N ARG D 67 7.80 30.62 24.75
CA ARG D 67 7.41 30.85 26.14
C ARG D 67 7.17 29.54 26.89
N PHE D 68 6.65 28.52 26.21
CA PHE D 68 6.39 27.23 26.81
C PHE D 68 7.52 26.27 26.44
N THR D 69 7.77 25.30 27.32
CA THR D 69 8.79 24.29 27.03
C THR D 69 8.29 22.92 27.48
N ILE D 70 8.78 21.88 26.82
CA ILE D 70 8.33 20.51 27.05
C ILE D 70 9.54 19.59 27.10
N SER D 71 9.46 18.58 27.96
CA SER D 71 10.52 17.59 28.09
C SER D 71 9.91 16.26 28.51
N ARG D 72 10.71 15.19 28.41
CA ARG D 72 10.24 13.87 28.77
C ARG D 72 11.39 13.06 29.34
N ASP D 73 11.05 12.15 30.25
CA ASP D 73 12.01 11.22 30.86
C ASP D 73 11.50 9.81 30.64
N ASN D 74 12.22 9.03 29.83
CA ASN D 74 11.83 7.66 29.55
C ASN D 74 12.25 6.71 30.66
N ALA D 75 13.28 7.09 31.44
CA ALA D 75 13.68 6.28 32.58
C ALA D 75 12.63 6.30 33.68
N LYS D 76 11.77 7.32 33.70
CA LYS D 76 10.69 7.41 34.67
C LYS D 76 9.31 7.38 34.04
N ASN D 77 9.21 7.34 32.71
CA ASN D 77 7.95 7.37 31.99
C ASN D 77 7.12 8.59 32.39
N THR D 78 7.73 9.77 32.23
CA THR D 78 7.12 11.01 32.67
C THR D 78 7.26 12.08 31.59
N LEU D 79 6.27 12.96 31.54
CA LEU D 79 6.25 14.08 30.61
C LEU D 79 6.08 15.37 31.41
N TYR D 80 6.82 16.40 31.05
CA TYR D 80 6.79 17.67 31.75
C TYR D 80 6.55 18.82 30.78
N LEU D 81 5.72 19.77 31.19
CA LEU D 81 5.44 20.98 30.41
C LEU D 81 5.56 22.17 31.35
N GLN D 82 6.55 23.02 31.10
CA GLN D 82 6.75 24.24 31.88
C GLN D 82 6.13 25.41 31.14
N MET D 83 5.31 26.18 31.84
CA MET D 83 4.48 27.23 31.27
C MET D 83 4.89 28.56 31.87
N ASN D 84 5.15 29.54 31.00
CA ASN D 84 5.55 30.87 31.44
C ASN D 84 4.86 31.93 30.60
N SER D 85 4.90 33.16 31.11
CA SER D 85 4.28 34.32 30.46
C SER D 85 2.81 34.06 30.15
N LEU D 86 2.08 33.63 31.19
CA LEU D 86 0.69 33.23 30.98
C LEU D 86 -0.20 34.45 30.79
N LYS D 87 -1.11 34.35 29.84
CA LYS D 87 -2.06 35.40 29.53
C LYS D 87 -3.48 34.99 29.95
N PRO D 88 -4.36 35.96 30.21
CA PRO D 88 -5.72 35.60 30.66
C PRO D 88 -6.52 34.81 29.64
N GLU D 89 -6.24 34.97 28.35
CA GLU D 89 -7.01 34.24 27.34
C GLU D 89 -6.44 32.86 27.09
N ASP D 90 -5.22 32.59 27.56
CA ASP D 90 -4.59 31.28 27.36
C ASP D 90 -5.06 30.23 28.35
N THR D 91 -6.08 30.53 29.16
CA THR D 91 -6.60 29.54 30.10
C THR D 91 -7.37 28.46 29.36
N ALA D 92 -7.15 27.21 29.75
CA ALA D 92 -7.78 26.05 29.13
C ALA D 92 -7.40 24.81 29.94
N VAL D 93 -8.15 23.74 29.73
CA VAL D 93 -7.82 22.46 30.35
C VAL D 93 -6.88 21.70 29.42
N TYR D 94 -5.75 21.24 29.96
CA TYR D 94 -4.68 20.67 29.17
C TYR D 94 -4.71 19.15 29.24
N TYR D 95 -4.52 18.51 28.09
CA TYR D 95 -4.53 17.06 27.95
C TYR D 95 -3.25 16.60 27.26
N CYS D 96 -2.88 15.36 27.54
CA CYS D 96 -1.78 14.70 26.85
C CYS D 96 -2.34 13.81 25.75
N ALA D 97 -1.50 13.55 24.74
CA ALA D 97 -1.91 12.72 23.61
C ALA D 97 -0.75 11.83 23.20
N ARG D 98 -1.03 10.54 23.02
CA ARG D 98 -0.02 9.57 22.65
C ARG D 98 -0.14 9.20 21.18
N CYS D 99 1.00 8.94 20.55
CA CYS D 99 1.01 8.50 19.16
C CYS D 99 0.26 7.17 19.04
N PRO D 100 -0.64 7.04 18.05
CA PRO D 100 -1.36 5.76 17.89
C PRO D 100 -0.45 4.62 17.47
N ALA D 101 0.66 4.89 16.80
CA ALA D 101 1.61 3.87 16.39
C ALA D 101 3.00 4.19 16.95
N PRO D 102 3.75 3.18 17.37
CA PRO D 102 5.04 3.43 18.00
C PRO D 102 6.11 3.85 16.99
N PHE D 103 7.00 4.72 17.47
CA PHE D 103 8.10 5.30 16.70
C PHE D 103 7.68 5.66 15.27
N THR D 104 6.66 6.51 15.19
CA THR D 104 6.22 7.12 13.94
C THR D 104 6.18 8.65 14.11
N ARG D 105 5.75 9.34 13.04
CA ARG D 105 5.69 10.80 13.06
C ARG D 105 4.36 11.31 12.51
N ASP D 106 3.33 10.47 12.42
CA ASP D 106 2.03 10.86 11.90
C ASP D 106 1.02 10.80 13.05
N CYS D 107 0.72 11.95 13.64
CA CYS D 107 -0.23 12.05 14.75
C CYS D 107 -1.51 12.66 14.21
N PHE D 108 -2.48 11.81 13.89
CA PHE D 108 -3.72 12.26 13.26
C PHE D 108 -4.77 12.68 14.28
N ASP D 109 -5.17 11.78 15.17
CA ASP D 109 -6.32 11.99 16.04
C ASP D 109 -5.93 12.48 17.43
N VAL D 110 -4.83 13.22 17.56
CA VAL D 110 -4.42 13.72 18.86
C VAL D 110 -5.34 14.85 19.32
N THR D 111 -5.95 15.58 18.38
CA THR D 111 -6.89 16.63 18.70
C THR D 111 -8.33 16.21 18.48
N SER D 112 -8.59 14.91 18.32
CA SER D 112 -9.95 14.44 18.12
C SER D 112 -10.76 14.58 19.41
N THR D 113 -12.08 14.67 19.25
CA THR D 113 -12.96 14.92 20.40
C THR D 113 -12.97 13.76 21.37
N THR D 114 -12.98 12.52 20.88
CA THR D 114 -13.08 11.34 21.73
C THR D 114 -11.88 10.41 21.57
N TYR D 115 -10.67 10.97 21.57
CA TYR D 115 -9.47 10.14 21.50
C TYR D 115 -9.33 9.30 22.75
N ALA D 116 -8.91 8.04 22.56
CA ALA D 116 -8.83 7.09 23.67
C ALA D 116 -7.53 7.22 24.46
N TYR D 117 -6.40 7.36 23.76
CA TYR D 117 -5.09 7.41 24.42
C TYR D 117 -4.78 8.83 24.87
N ARG D 118 -5.64 9.36 25.75
CA ARG D 118 -5.47 10.69 26.30
C ARG D 118 -5.95 10.69 27.75
N GLY D 119 -5.40 11.62 28.53
CA GLY D 119 -5.83 11.80 29.90
C GLY D 119 -7.10 12.62 30.01
N GLN D 120 -7.63 12.67 31.23
CA GLN D 120 -8.83 13.47 31.50
C GLN D 120 -8.52 14.93 31.72
N GLY D 121 -7.24 15.29 31.88
CA GLY D 121 -6.84 16.68 31.88
C GLY D 121 -6.91 17.33 33.25
N THR D 122 -6.28 18.50 33.34
CA THR D 122 -6.28 19.31 34.55
C THR D 122 -6.81 20.71 34.24
N GLN D 123 -7.60 21.24 35.15
CA GLN D 123 -8.12 22.59 35.00
C GLN D 123 -7.02 23.62 35.30
N VAL D 124 -6.85 24.57 34.39
CA VAL D 124 -5.83 25.61 34.55
C VAL D 124 -6.48 26.97 34.37
N THR D 125 -6.64 27.71 35.47
CA THR D 125 -7.25 29.03 35.45
C THR D 125 -6.18 30.10 35.59
N VAL D 126 -6.36 31.19 34.83
CA VAL D 126 -5.43 32.31 34.83
C VAL D 126 -6.25 33.60 34.82
N SER D 127 -6.09 34.41 35.86
CA SER D 127 -6.81 35.67 35.98
C SER D 127 -6.18 36.49 37.09
N SER D 128 -6.40 37.80 37.04
CA SER D 128 -5.87 38.71 38.05
C SER D 128 -6.95 39.07 39.07
N LEU E 3 42.67 -24.65 -38.39
CA LEU E 3 41.94 -23.39 -38.50
C LEU E 3 42.86 -22.21 -38.23
N GLU E 4 42.53 -21.07 -38.85
CA GLU E 4 43.32 -19.87 -38.63
C GLU E 4 43.17 -19.39 -37.20
N THR E 5 44.29 -18.94 -36.61
CA THR E 5 44.28 -18.53 -35.21
C THR E 5 43.39 -17.30 -34.99
N GLN E 6 43.38 -16.39 -35.96
CA GLN E 6 42.54 -15.20 -35.84
C GLN E 6 41.06 -15.59 -35.84
N ASP E 7 40.63 -16.38 -36.83
CA ASP E 7 39.24 -16.81 -36.89
C ASP E 7 38.90 -17.73 -35.73
N ALA E 8 39.88 -18.50 -35.24
CA ALA E 8 39.63 -19.35 -34.08
C ALA E 8 39.36 -18.52 -32.83
N LEU E 9 40.17 -17.48 -32.61
CA LEU E 9 39.92 -16.58 -31.48
C LEU E 9 38.59 -15.86 -31.64
N TYR E 10 38.26 -15.48 -32.88
CA TYR E 10 36.97 -14.83 -33.14
C TYR E 10 35.81 -15.76 -32.78
N VAL E 11 35.92 -17.04 -33.18
CA VAL E 11 34.86 -18.00 -32.89
C VAL E 11 34.75 -18.24 -31.38
N ALA E 12 35.89 -18.33 -30.70
CA ALA E 12 35.87 -18.51 -29.25
C ALA E 12 35.22 -17.32 -28.56
N LEU E 13 35.55 -16.10 -28.99
CA LEU E 13 34.93 -14.92 -28.41
C LEU E 13 33.44 -14.88 -28.69
N GLU E 14 33.02 -15.27 -29.89
CA GLU E 14 31.60 -15.35 -30.20
C GLU E 14 30.91 -16.36 -29.29
N LEU E 15 31.56 -17.50 -29.04
CA LEU E 15 30.97 -18.52 -28.17
C LEU E 15 30.80 -18.02 -26.75
N VAL E 16 31.84 -17.37 -26.20
CA VAL E 16 31.74 -16.88 -24.83
C VAL E 16 30.73 -15.74 -24.74
N ILE E 17 30.61 -14.95 -25.81
CA ILE E 17 29.63 -13.86 -25.83
C ILE E 17 28.22 -14.43 -25.83
N ALA E 18 27.99 -15.47 -26.64
CA ALA E 18 26.70 -16.14 -26.67
C ALA E 18 26.36 -16.75 -25.31
N ALA E 19 27.34 -17.37 -24.68
CA ALA E 19 27.12 -17.99 -23.37
C ALA E 19 26.77 -16.94 -22.32
N LEU E 20 27.52 -15.83 -22.29
CA LEU E 20 27.23 -14.77 -21.33
C LEU E 20 25.87 -14.14 -21.59
N SER E 21 25.52 -13.95 -22.87
CA SER E 21 24.22 -13.39 -23.21
C SER E 21 23.09 -14.30 -22.74
N VAL E 22 23.22 -15.61 -22.97
CA VAL E 22 22.20 -16.55 -22.51
C VAL E 22 22.09 -16.51 -20.99
N ALA E 23 23.24 -16.55 -20.31
CA ALA E 23 23.22 -16.58 -18.85
C ALA E 23 22.62 -15.30 -18.27
N GLY E 24 22.82 -14.16 -18.96
CA GLY E 24 22.27 -12.92 -18.47
C GLY E 24 20.79 -12.74 -18.79
N ASN E 25 20.34 -13.30 -19.92
CA ASN E 25 18.97 -13.08 -20.36
C ASN E 25 17.98 -14.09 -19.80
N VAL E 26 18.38 -15.36 -19.64
CA VAL E 26 17.48 -16.32 -19.00
C VAL E 26 17.25 -15.93 -17.55
N LEU E 27 18.20 -15.24 -16.93
CA LEU E 27 18.00 -14.75 -15.57
C LEU E 27 16.87 -13.75 -15.51
N VAL E 28 16.87 -12.76 -16.41
CA VAL E 28 15.79 -11.78 -16.46
C VAL E 28 14.48 -12.45 -16.83
N CYS E 29 14.54 -13.44 -17.73
CA CYS E 29 13.33 -14.17 -18.09
C CYS E 29 12.71 -14.84 -16.88
N ALA E 30 13.52 -15.58 -16.11
CA ALA E 30 13.00 -16.26 -14.93
C ALA E 30 12.56 -15.26 -13.87
N ALA E 31 13.23 -14.11 -13.79
CA ALA E 31 12.83 -13.08 -12.82
C ALA E 31 11.45 -12.54 -13.15
N VAL E 32 11.19 -12.26 -14.43
CA VAL E 32 9.87 -11.78 -14.82
C VAL E 32 8.84 -12.89 -14.68
N GLY E 33 9.24 -14.15 -14.89
CA GLY E 33 8.28 -15.25 -14.80
C GLY E 33 7.88 -15.65 -13.40
N THR E 34 8.78 -15.50 -12.42
CA THR E 34 8.48 -15.92 -11.05
C THR E 34 8.01 -14.79 -10.15
N ALA E 35 8.19 -13.53 -10.56
CA ALA E 35 7.79 -12.37 -9.76
C ALA E 35 6.49 -11.82 -10.31
N ASN E 36 5.44 -11.83 -9.48
CA ASN E 36 4.16 -11.26 -9.90
C ASN E 36 4.23 -9.75 -10.02
N THR E 37 5.13 -9.11 -9.25
CA THR E 37 5.29 -7.66 -9.36
C THR E 37 5.88 -7.26 -10.69
N LEU E 38 6.65 -8.14 -11.33
CA LEU E 38 7.23 -7.87 -12.63
C LEU E 38 6.29 -8.19 -13.78
N GLN E 39 5.12 -8.75 -13.51
CA GLN E 39 4.13 -9.05 -14.55
C GLN E 39 3.34 -7.79 -14.88
N THR E 40 4.05 -6.83 -15.47
CA THR E 40 3.52 -5.54 -15.85
C THR E 40 3.77 -5.29 -17.33
N PRO E 41 2.89 -4.56 -18.00
CA PRO E 41 3.04 -4.37 -19.46
C PRO E 41 4.33 -3.67 -19.87
N THR E 42 5.00 -2.96 -18.96
CA THR E 42 6.26 -2.31 -19.32
C THR E 42 7.39 -3.32 -19.45
N ASN E 43 7.31 -4.44 -18.73
CA ASN E 43 8.34 -5.47 -18.79
C ASN E 43 8.09 -6.49 -19.88
N TYR E 44 6.98 -6.39 -20.61
CA TYR E 44 6.74 -7.29 -21.74
C TYR E 44 7.80 -7.08 -22.82
N PHE E 45 8.09 -5.81 -23.14
CA PHE E 45 9.12 -5.53 -24.13
C PHE E 45 10.50 -5.96 -23.63
N LEU E 46 10.74 -5.84 -22.32
CA LEU E 46 12.03 -6.26 -21.76
C LEU E 46 12.20 -7.77 -21.85
N VAL E 47 11.15 -8.53 -21.53
CA VAL E 47 11.26 -9.99 -21.64
C VAL E 47 11.31 -10.40 -23.10
N SER E 48 10.71 -9.63 -24.01
CA SER E 48 10.85 -9.90 -25.44
C SER E 48 12.29 -9.69 -25.88
N LEU E 49 12.93 -8.61 -25.41
CA LEU E 49 14.34 -8.39 -25.70
C LEU E 49 15.21 -9.51 -25.14
N ALA E 50 14.88 -9.97 -23.94
CA ALA E 50 15.64 -11.07 -23.33
C ALA E 50 15.51 -12.35 -24.15
N ALA E 51 14.29 -12.67 -24.59
CA ALA E 51 14.09 -13.85 -25.42
C ALA E 51 14.80 -13.71 -26.77
N ALA E 52 14.79 -12.50 -27.33
CA ALA E 52 15.50 -12.27 -28.59
C ALA E 52 16.99 -12.45 -28.42
N ASP E 53 17.56 -11.96 -27.32
CA ASP E 53 18.98 -12.15 -27.06
C ASP E 53 19.31 -13.62 -26.82
N VAL E 54 18.41 -14.34 -26.14
CA VAL E 54 18.60 -15.78 -25.95
C VAL E 54 18.63 -16.49 -27.29
N ALA E 55 17.69 -16.15 -28.18
CA ALA E 55 17.66 -16.78 -29.50
C ALA E 55 18.89 -16.41 -30.32
N VAL E 56 19.40 -15.18 -30.15
CA VAL E 56 20.60 -14.77 -30.86
C VAL E 56 21.81 -15.57 -30.37
N GLY E 57 21.94 -15.72 -29.05
CA GLY E 57 23.07 -16.45 -28.52
C GLY E 57 23.02 -17.94 -28.80
N LEU E 58 21.81 -18.50 -28.83
CA LEU E 58 21.65 -19.93 -29.04
C LEU E 58 21.58 -20.33 -30.51
N PHE E 59 21.10 -19.44 -31.39
CA PHE E 59 20.93 -19.77 -32.79
C PHE E 59 21.71 -18.87 -33.71
N ALA E 60 21.64 -17.54 -33.53
CA ALA E 60 22.26 -16.63 -34.49
C ALA E 60 23.78 -16.70 -34.45
N ILE E 61 24.36 -16.71 -33.27
CA ILE E 61 25.82 -16.74 -33.12
C ILE E 61 26.37 -18.09 -33.57
N PRO E 62 25.76 -19.23 -33.22
CA PRO E 62 26.26 -20.50 -33.81
C PRO E 62 26.14 -20.55 -35.33
N PHE E 63 25.08 -19.98 -35.89
CA PHE E 63 24.95 -19.96 -37.35
C PHE E 63 26.02 -19.08 -37.98
N ALA E 64 26.29 -17.92 -37.37
CA ALA E 64 27.36 -17.06 -37.87
C ALA E 64 28.72 -17.75 -37.76
N ILE E 65 28.92 -18.55 -36.70
CA ILE E 65 30.17 -19.29 -36.56
C ILE E 65 30.29 -20.35 -37.66
N THR E 66 29.21 -21.11 -37.89
CA THR E 66 29.19 -22.09 -38.96
C THR E 66 29.45 -21.45 -40.31
N ILE E 67 28.93 -20.24 -40.54
CA ILE E 67 29.24 -19.53 -41.78
C ILE E 67 30.71 -19.13 -41.81
N SER E 68 31.27 -18.78 -40.64
CA SER E 68 32.65 -18.34 -40.58
C SER E 68 33.61 -19.50 -40.84
N LEU E 69 33.17 -20.73 -40.61
CA LEU E 69 34.02 -21.90 -40.82
C LEU E 69 34.31 -22.10 -42.30
N GLY E 70 33.55 -21.45 -43.17
CA GLY E 70 33.75 -21.53 -44.59
C GLY E 70 33.52 -22.91 -45.17
N PHE E 71 32.35 -23.50 -44.85
CA PHE E 71 32.00 -24.80 -45.37
C PHE E 71 31.40 -24.69 -46.77
N CYS E 72 31.23 -25.83 -47.43
CA CYS E 72 30.64 -25.90 -48.76
C CYS E 72 29.36 -26.71 -48.66
N THR E 73 28.22 -26.02 -48.70
CA THR E 73 26.92 -26.68 -48.57
C THR E 73 25.96 -26.08 -49.57
N ASP E 74 24.68 -26.46 -49.43
CA ASP E 74 23.65 -25.93 -50.31
C ASP E 74 23.56 -24.41 -50.18
N PHE E 75 23.23 -23.75 -51.30
CA PHE E 75 23.04 -22.31 -51.28
C PHE E 75 21.92 -21.94 -50.33
N TYR E 76 20.81 -22.67 -50.39
CA TYR E 76 19.71 -22.44 -49.45
C TYR E 76 20.10 -22.85 -48.04
N GLY E 77 20.96 -23.85 -47.89
CA GLY E 77 21.38 -24.28 -46.56
C GLY E 77 22.09 -23.18 -45.79
N CYS E 78 22.85 -22.34 -46.47
CA CYS E 78 23.50 -21.19 -45.85
C CYS E 78 22.63 -19.94 -45.86
N LEU E 79 21.81 -19.77 -46.90
CA LEU E 79 20.89 -18.64 -46.93
C LEU E 79 19.89 -18.69 -45.78
N PHE E 80 19.45 -19.91 -45.41
CA PHE E 80 18.51 -20.05 -44.31
C PHE E 80 19.14 -19.59 -43.00
N LEU E 81 20.39 -20.00 -42.75
CA LEU E 81 21.07 -19.58 -41.53
C LEU E 81 21.31 -18.07 -41.53
N ALA E 82 21.72 -17.51 -42.67
CA ALA E 82 21.91 -16.07 -42.75
C ALA E 82 20.61 -15.32 -42.49
N CYS E 83 19.51 -15.77 -43.09
CA CYS E 83 18.22 -15.13 -42.89
C CYS E 83 17.74 -15.29 -41.45
N PHE E 84 18.03 -16.42 -40.81
CA PHE E 84 17.65 -16.59 -39.41
C PHE E 84 18.42 -15.64 -38.51
N VAL E 85 19.72 -15.49 -38.75
CA VAL E 85 20.52 -14.53 -38.00
C VAL E 85 19.96 -13.12 -38.19
N LEU E 86 19.63 -12.77 -39.44
CA LEU E 86 19.08 -11.45 -39.71
C LEU E 86 17.74 -11.26 -39.02
N VAL E 87 16.89 -12.28 -39.02
CA VAL E 87 15.59 -12.20 -38.37
C VAL E 87 15.75 -11.98 -36.88
N LEU E 88 16.66 -12.72 -36.25
CA LEU E 88 16.85 -12.59 -34.81
C LEU E 88 17.43 -11.22 -34.45
N THR E 89 18.41 -10.73 -35.21
CA THR E 89 18.95 -9.40 -34.94
C THR E 89 17.91 -8.31 -35.16
N GLN E 90 17.10 -8.41 -36.22
CA GLN E 90 16.07 -7.41 -36.45
C GLN E 90 14.99 -7.47 -35.38
N SER E 91 14.67 -8.66 -34.87
CA SER E 91 13.71 -8.77 -33.77
C SER E 91 14.26 -8.15 -32.51
N SER E 92 15.55 -8.36 -32.21
CA SER E 92 16.16 -7.72 -31.05
C SER E 92 16.14 -6.20 -31.19
N ILE E 93 16.46 -5.70 -32.39
CA ILE E 93 16.45 -4.25 -32.62
C ILE E 93 15.04 -3.69 -32.48
N PHE E 94 14.04 -4.39 -33.02
CA PHE E 94 12.67 -3.93 -32.94
C PHE E 94 12.16 -3.94 -31.50
N SER E 95 12.53 -4.96 -30.73
CA SER E 95 12.10 -4.99 -29.33
C SER E 95 12.78 -3.91 -28.51
N LEU E 96 14.05 -3.62 -28.81
CA LEU E 96 14.74 -2.52 -28.14
C LEU E 96 14.10 -1.18 -28.50
N LEU E 97 13.70 -1.02 -29.77
CA LEU E 97 12.98 0.19 -30.15
C LEU E 97 11.63 0.27 -29.46
N ALA E 98 10.96 -0.87 -29.26
CA ALA E 98 9.71 -0.88 -28.52
C ALA E 98 9.91 -0.49 -27.06
N VAL E 99 11.04 -0.92 -26.47
CA VAL E 99 11.36 -0.49 -25.11
C VAL E 99 11.56 1.02 -25.07
N ALA E 100 12.27 1.56 -26.07
CA ALA E 100 12.47 3.01 -26.13
C ALA E 100 11.14 3.75 -26.27
N VAL E 101 10.25 3.23 -27.11
CA VAL E 101 8.94 3.85 -27.30
C VAL E 101 8.11 3.77 -26.02
N ASP E 102 8.19 2.66 -25.31
CA ASP E 102 7.46 2.54 -24.04
C ASP E 102 7.99 3.53 -23.01
N ARG E 103 9.31 3.70 -22.95
CA ARG E 103 9.88 4.68 -22.03
C ARG E 103 9.47 6.09 -22.42
N TYR E 104 9.42 6.38 -23.73
CA TYR E 104 8.96 7.69 -24.19
C TYR E 104 7.52 7.94 -23.78
N LEU E 105 6.66 6.94 -23.97
CA LEU E 105 5.26 7.09 -23.58
C LEU E 105 5.10 7.23 -22.08
N ALA E 106 5.96 6.57 -21.30
CA ALA E 106 5.87 6.68 -19.85
C ALA E 106 6.34 8.04 -19.37
N ILE E 107 7.37 8.60 -20.01
CA ILE E 107 7.93 9.88 -19.55
C ILE E 107 7.09 11.05 -20.05
N CYS E 108 6.96 11.18 -21.38
CA CYS E 108 6.32 12.35 -21.94
C CYS E 108 4.79 12.30 -21.84
N VAL E 109 4.21 11.10 -21.81
CA VAL E 109 2.76 10.95 -21.68
C VAL E 109 2.44 10.20 -20.39
N PRO E 110 2.66 10.81 -19.22
CA PRO E 110 2.51 10.03 -17.98
C PRO E 110 1.05 9.74 -17.62
N LEU E 111 0.13 10.62 -18.02
CA LEU E 111 -1.28 10.43 -17.67
C LEU E 111 -1.91 9.32 -18.49
N ARG E 112 -1.82 9.42 -19.82
CA ARG E 112 -2.43 8.46 -20.71
C ARG E 112 -1.65 7.16 -20.84
N TYR E 113 -0.49 7.06 -20.18
CA TYR E 113 0.34 5.86 -20.28
C TYR E 113 -0.45 4.62 -19.87
N LYS E 114 -1.01 4.63 -18.66
CA LYS E 114 -1.83 3.51 -18.22
C LYS E 114 -3.01 3.27 -19.15
N SER E 115 -3.47 4.30 -19.85
CA SER E 115 -4.54 4.13 -20.81
C SER E 115 -4.01 3.58 -22.14
N LEU E 116 -2.79 3.96 -22.50
CA LEU E 116 -2.24 3.55 -23.78
C LEU E 116 -1.57 2.17 -23.69
N VAL E 117 -0.58 2.03 -22.82
CA VAL E 117 0.22 0.82 -22.72
C VAL E 117 -0.51 -0.14 -21.78
N THR E 118 -1.20 -1.13 -22.36
CA THR E 118 -1.83 -2.20 -21.61
C THR E 118 -1.27 -3.54 -22.06
N GLY E 119 -1.71 -4.61 -21.39
CA GLY E 119 -1.18 -5.93 -21.68
C GLY E 119 -1.50 -6.39 -23.08
N THR E 120 -2.76 -6.25 -23.49
CA THR E 120 -3.18 -6.74 -24.81
C THR E 120 -2.50 -5.95 -25.93
N ARG E 121 -2.45 -4.62 -25.81
CA ARG E 121 -1.81 -3.82 -26.84
C ARG E 121 -0.31 -4.08 -26.88
N ALA E 122 0.32 -4.29 -25.73
CA ALA E 122 1.74 -4.60 -25.70
C ALA E 122 2.02 -5.94 -26.37
N ARG E 123 1.19 -6.95 -26.09
CA ARG E 123 1.36 -8.25 -26.74
C ARG E 123 1.15 -8.13 -28.25
N GLY E 124 0.16 -7.34 -28.67
CA GLY E 124 -0.06 -7.14 -30.08
C GLY E 124 1.11 -6.46 -30.76
N VAL E 125 1.66 -5.43 -30.14
CA VAL E 125 2.82 -4.74 -30.70
C VAL E 125 4.02 -5.66 -30.77
N ILE E 126 4.21 -6.50 -29.74
CA ILE E 126 5.31 -7.45 -29.74
C ILE E 126 5.16 -8.43 -30.90
N ALA E 127 3.96 -8.99 -31.07
CA ALA E 127 3.73 -9.92 -32.18
C ALA E 127 3.93 -9.23 -33.53
N VAL E 128 3.48 -7.98 -33.66
CA VAL E 128 3.61 -7.26 -34.91
C VAL E 128 5.08 -7.03 -35.25
N LEU E 129 5.87 -6.59 -34.27
CA LEU E 129 7.28 -6.35 -34.53
C LEU E 129 8.02 -7.66 -34.81
N TRP E 130 7.61 -8.75 -34.14
CA TRP E 130 8.25 -10.03 -34.39
C TRP E 130 7.98 -10.52 -35.82
N VAL E 131 6.72 -10.47 -36.26
CA VAL E 131 6.42 -10.93 -37.62
C VAL E 131 7.01 -9.97 -38.65
N LEU E 132 7.15 -8.69 -38.29
CA LEU E 132 7.80 -7.74 -39.21
C LEU E 132 9.28 -8.06 -39.37
N ALA E 133 9.97 -8.35 -38.27
CA ALA E 133 11.37 -8.75 -38.36
C ALA E 133 11.52 -10.06 -39.11
N PHE E 134 10.57 -10.99 -38.91
CA PHE E 134 10.61 -12.25 -39.65
C PHE E 134 10.46 -12.02 -41.14
N GLY E 135 9.53 -11.15 -41.54
CA GLY E 135 9.35 -10.86 -42.95
C GLY E 135 10.51 -10.10 -43.56
N ILE E 136 11.15 -9.25 -42.75
CA ILE E 136 12.27 -8.46 -43.26
C ILE E 136 13.50 -9.33 -43.45
N GLY E 137 13.83 -10.15 -42.44
CA GLY E 137 15.01 -10.99 -42.54
C GLY E 137 14.90 -12.07 -43.60
N LEU E 138 13.68 -12.49 -43.92
CA LEU E 138 13.45 -13.52 -44.93
C LEU E 138 13.28 -12.93 -46.33
N THR E 139 13.54 -11.63 -46.50
CA THR E 139 13.49 -11.03 -47.83
C THR E 139 14.54 -11.59 -48.78
N PRO E 140 15.79 -11.85 -48.36
CA PRO E 140 16.71 -12.55 -49.27
C PRO E 140 16.23 -13.94 -49.64
N PHE E 141 15.59 -14.65 -48.72
CA PHE E 141 15.05 -15.97 -49.04
C PHE E 141 13.98 -15.88 -50.13
N LEU E 142 13.21 -14.80 -50.14
CA LEU E 142 12.15 -14.65 -51.12
C LEU E 142 12.69 -14.13 -52.46
N GLY E 143 13.25 -12.93 -52.47
CA GLY E 143 13.66 -12.32 -53.73
C GLY E 143 14.89 -11.45 -53.69
N TRP E 144 15.74 -11.59 -52.68
CA TRP E 144 16.92 -10.74 -52.55
C TRP E 144 18.15 -11.58 -52.23
N ASN E 145 18.23 -12.78 -52.80
CA ASN E 145 19.40 -13.64 -52.65
C ASN E 145 20.37 -13.41 -53.80
N SER E 146 21.66 -13.57 -53.49
CA SER E 146 22.73 -13.38 -54.47
C SER E 146 23.05 -14.64 -55.24
N LYS E 147 22.05 -15.23 -55.89
CA LYS E 147 22.27 -16.45 -56.67
C LYS E 147 23.05 -16.11 -57.93
N ASP E 148 24.30 -16.55 -58.01
CA ASP E 148 25.14 -16.28 -59.15
C ASP E 148 25.05 -17.39 -60.19
N VAL E 169 28.52 -23.98 -53.85
CA VAL E 169 28.49 -22.64 -53.28
C VAL E 169 28.98 -22.67 -51.84
N LYS E 170 30.08 -21.99 -51.57
CA LYS E 170 30.63 -21.93 -50.23
C LYS E 170 29.70 -21.13 -49.32
N CYS E 171 29.48 -21.63 -48.11
CA CYS E 171 28.60 -20.95 -47.16
C CYS E 171 29.24 -19.69 -46.63
N LEU E 172 28.86 -18.55 -47.20
CA LEU E 172 29.35 -17.25 -46.76
C LEU E 172 28.23 -16.24 -46.92
N PHE E 173 28.22 -15.24 -46.03
CA PHE E 173 27.12 -14.26 -46.03
C PHE E 173 27.08 -13.49 -47.34
N GLU E 174 28.23 -13.03 -47.82
CA GLU E 174 28.27 -12.32 -49.10
C GLU E 174 27.85 -13.23 -50.25
N ASN E 175 28.14 -14.53 -50.14
CA ASN E 175 27.77 -15.46 -51.19
C ASN E 175 26.28 -15.76 -51.21
N VAL E 176 25.57 -15.53 -50.10
CA VAL E 176 24.15 -15.81 -50.05
C VAL E 176 23.30 -14.55 -49.87
N VAL E 177 23.84 -13.50 -49.26
CA VAL E 177 23.14 -12.24 -49.07
C VAL E 177 24.02 -11.13 -49.64
N PRO E 178 23.58 -10.41 -50.66
CA PRO E 178 24.39 -9.31 -51.21
C PRO E 178 24.43 -8.11 -50.27
N MET E 179 25.45 -7.29 -50.46
CA MET E 179 25.62 -6.10 -49.62
C MET E 179 24.54 -5.06 -49.91
N SER E 180 23.91 -5.12 -51.08
CA SER E 180 22.86 -4.16 -51.41
C SER E 180 21.69 -4.26 -50.45
N TYR E 181 21.26 -5.48 -50.14
CA TYR E 181 20.16 -5.65 -49.20
C TYR E 181 20.54 -5.18 -47.80
N MET E 182 21.79 -5.44 -47.40
CA MET E 182 22.26 -5.06 -46.07
C MET E 182 22.48 -3.56 -45.94
N VAL E 183 22.68 -2.86 -47.05
CA VAL E 183 22.96 -1.42 -46.99
C VAL E 183 21.69 -0.60 -47.22
N TYR E 184 20.89 -0.96 -48.23
CA TYR E 184 19.71 -0.18 -48.58
C TYR E 184 18.49 -0.57 -47.76
N PHE E 185 18.16 -1.87 -47.75
CA PHE E 185 16.95 -2.32 -47.05
C PHE E 185 17.19 -2.47 -45.56
N ASN E 186 18.33 -3.05 -45.17
CA ASN E 186 18.58 -3.34 -43.76
C ASN E 186 19.06 -2.10 -43.01
N PHE E 187 20.18 -1.53 -43.45
CA PHE E 187 20.78 -0.39 -42.74
C PHE E 187 19.96 0.87 -42.92
N PHE E 188 19.77 1.31 -44.17
CA PHE E 188 19.05 2.54 -44.43
C PHE E 188 17.55 2.41 -44.18
N GLY E 189 17.03 1.20 -44.04
CA GLY E 189 15.60 1.01 -43.89
C GLY E 189 15.15 0.53 -42.53
N CYS E 190 15.96 -0.29 -41.87
CA CYS E 190 15.56 -0.92 -40.61
C CYS E 190 16.53 -0.64 -39.46
N VAL E 191 17.54 0.19 -39.68
CA VAL E 191 18.52 0.53 -38.65
C VAL E 191 18.58 2.02 -38.38
N LEU E 192 18.63 2.84 -39.45
CA LEU E 192 18.72 4.29 -39.26
C LEU E 192 17.43 4.90 -38.73
N PRO E 193 16.25 4.57 -39.25
CA PRO E 193 15.01 5.14 -38.68
C PRO E 193 14.84 4.79 -37.21
N PRO E 194 15.02 3.52 -36.79
CA PRO E 194 14.89 3.23 -35.35
C PRO E 194 15.95 3.92 -34.51
N LEU E 195 17.18 4.03 -35.02
CA LEU E 195 18.23 4.72 -34.28
C LEU E 195 17.87 6.19 -34.08
N LEU E 196 17.38 6.84 -35.14
CA LEU E 196 16.99 8.25 -35.01
C LEU E 196 15.80 8.41 -34.08
N ILE E 197 14.85 7.47 -34.13
CA ILE E 197 13.69 7.54 -33.25
C ILE E 197 14.13 7.43 -31.79
N MET E 198 15.01 6.46 -31.50
CA MET E 198 15.53 6.33 -30.14
C MET E 198 16.31 7.56 -29.72
N LEU E 199 17.09 8.14 -30.63
CA LEU E 199 17.86 9.33 -30.31
C LEU E 199 16.95 10.48 -29.92
N VAL E 200 15.91 10.74 -30.72
CA VAL E 200 14.98 11.82 -30.40
C VAL E 200 14.23 11.51 -29.11
N ILE E 201 13.85 10.25 -28.91
CA ILE E 201 13.14 9.86 -27.70
C ILE E 201 13.96 10.16 -26.46
N TYR E 202 15.23 9.73 -26.47
CA TYR E 202 16.06 9.92 -25.28
C TYR E 202 16.49 11.37 -25.12
N ILE E 203 16.60 12.12 -26.22
CA ILE E 203 16.88 13.55 -26.10
C ILE E 203 15.71 14.26 -25.43
N LYS E 204 14.49 13.93 -25.84
CA LYS E 204 13.31 14.52 -25.20
C LYS E 204 13.21 14.08 -23.74
N ILE E 205 13.58 12.83 -23.45
CA ILE E 205 13.55 12.35 -22.07
C ILE E 205 14.55 13.13 -21.23
N PHE E 206 15.75 13.38 -21.77
CA PHE E 206 16.75 14.14 -21.05
C PHE E 206 16.30 15.58 -20.82
N LEU E 207 15.66 16.18 -21.84
CA LEU E 207 15.14 17.54 -21.69
C LEU E 207 14.06 17.60 -20.61
N VAL E 208 13.17 16.61 -20.60
CA VAL E 208 12.11 16.57 -19.58
C VAL E 208 12.70 16.38 -18.19
N ALA E 209 13.72 15.52 -18.08
CA ALA E 209 14.37 15.30 -16.79
C ALA E 209 15.06 16.56 -16.30
N CYS E 210 15.72 17.29 -17.20
CA CYS E 210 16.36 18.55 -16.81
C CYS E 210 15.33 19.58 -16.39
N ARG E 211 14.21 19.66 -17.12
CA ARG E 211 13.16 20.60 -16.76
C ARG E 211 12.57 20.27 -15.40
N GLN E 212 12.41 18.98 -15.10
CA GLN E 212 11.85 18.59 -13.82
C GLN E 212 12.85 18.83 -12.68
N LEU E 213 14.15 18.63 -12.96
CA LEU E 213 15.15 18.88 -11.94
C LEU E 213 15.29 20.37 -11.66
N GLN E 214 15.12 21.21 -12.67
CA GLN E 214 15.17 22.66 -12.45
C GLN E 214 13.99 23.13 -11.61
N ARG E 215 12.87 22.42 -11.66
CA ARG E 215 11.69 22.75 -10.86
C ARG E 215 11.65 22.03 -9.53
N THR E 216 12.69 21.27 -9.19
CA THR E 216 12.72 20.53 -7.93
C THR E 216 13.97 20.90 -7.13
N THR E 224 23.79 21.43 -6.55
CA THR E 224 24.05 20.03 -6.84
C THR E 224 23.12 19.50 -7.91
N THR E 225 22.34 20.40 -8.52
CA THR E 225 21.41 19.98 -9.56
C THR E 225 22.14 19.55 -10.82
N LEU E 226 23.25 20.23 -11.15
CA LEU E 226 24.03 19.84 -12.32
C LEU E 226 24.62 18.44 -12.17
N GLN E 227 24.92 18.03 -10.94
CA GLN E 227 25.39 16.67 -10.71
C GLN E 227 24.32 15.65 -11.11
N ARG E 228 23.07 15.89 -10.70
CA ARG E 228 21.98 14.99 -11.08
C ARG E 228 21.72 15.04 -12.57
N GLU E 229 21.83 16.22 -13.19
CA GLU E 229 21.64 16.31 -14.64
C GLU E 229 22.72 15.52 -15.38
N ILE E 230 23.97 15.60 -14.92
CA ILE E 230 25.05 14.84 -15.55
C ILE E 230 24.86 13.35 -15.33
N HIS E 231 24.37 12.96 -14.15
CA HIS E 231 24.11 11.55 -13.89
C HIS E 231 23.02 11.03 -14.82
N ALA E 232 21.95 11.80 -14.98
CA ALA E 232 20.86 11.39 -15.89
C ALA E 232 21.35 11.33 -17.33
N ALA E 233 22.19 12.29 -17.72
CA ALA E 233 22.74 12.29 -19.08
C ALA E 233 23.60 11.05 -19.32
N LYS E 234 24.42 10.68 -18.33
CA LYS E 234 25.24 9.48 -18.46
C LYS E 234 24.38 8.23 -18.53
N SER E 235 23.34 8.16 -17.69
CA SER E 235 22.46 7.00 -17.69
C SER E 235 21.73 6.86 -19.03
N LEU E 236 21.35 7.99 -19.63
CA LEU E 236 20.64 7.93 -20.90
C LEU E 236 21.59 7.68 -22.06
N ALA E 237 22.84 8.13 -21.96
CA ALA E 237 23.81 7.87 -23.02
C ALA E 237 24.32 6.43 -22.97
N MET E 238 24.28 5.80 -21.79
CA MET E 238 24.70 4.40 -21.66
C MET E 238 23.89 3.46 -22.54
N ILE E 239 22.82 3.95 -23.17
CA ILE E 239 22.04 3.18 -24.13
C ILE E 239 22.41 3.55 -25.56
N VAL E 240 22.37 4.84 -25.89
CA VAL E 240 22.59 5.28 -27.26
C VAL E 240 24.03 5.03 -27.70
N GLY E 241 24.99 5.44 -26.87
CA GLY E 241 26.39 5.25 -27.24
C GLY E 241 26.75 3.79 -27.38
N ILE E 242 26.18 2.93 -26.53
CA ILE E 242 26.46 1.51 -26.61
C ILE E 242 25.83 0.90 -27.86
N PHE E 243 24.58 1.27 -28.15
CA PHE E 243 23.94 0.82 -29.39
C PHE E 243 24.77 1.22 -30.61
N ALA E 244 25.27 2.46 -30.61
CA ALA E 244 26.14 2.91 -31.70
C ALA E 244 27.41 2.09 -31.78
N LEU E 245 28.21 2.08 -30.71
CA LEU E 245 29.46 1.32 -30.69
C LEU E 245 29.26 -0.14 -31.07
N CYS E 246 28.07 -0.68 -30.85
CA CYS E 246 27.80 -2.08 -31.21
C CYS E 246 27.45 -2.23 -32.69
N TRP E 247 26.46 -1.47 -33.18
CA TRP E 247 25.90 -1.75 -34.49
C TRP E 247 26.58 -0.96 -35.61
N LEU E 248 26.90 0.31 -35.36
CA LEU E 248 27.44 1.16 -36.40
C LEU E 248 28.73 0.67 -37.05
N PRO E 249 29.67 -0.01 -36.34
CA PRO E 249 30.89 -0.49 -37.01
C PRO E 249 30.62 -1.38 -38.23
N VAL E 250 29.84 -2.45 -38.05
CA VAL E 250 29.64 -3.39 -39.16
C VAL E 250 28.85 -2.75 -40.29
N HIS E 251 27.89 -1.88 -39.97
CA HIS E 251 27.13 -1.20 -41.01
C HIS E 251 28.00 -0.23 -41.80
N ALA E 252 28.87 0.51 -41.10
CA ALA E 252 29.79 1.41 -41.80
C ALA E 252 30.77 0.61 -42.65
N VAL E 253 31.19 -0.57 -42.18
CA VAL E 253 32.07 -1.42 -42.98
C VAL E 253 31.37 -1.86 -44.25
N ASN E 254 30.11 -2.29 -44.12
CA ASN E 254 29.34 -2.67 -45.30
C ASN E 254 29.17 -1.49 -46.26
N CYS E 255 28.96 -0.29 -45.71
CA CYS E 255 28.78 0.89 -46.56
C CYS E 255 30.05 1.24 -47.31
N VAL E 256 31.20 1.15 -46.65
CA VAL E 256 32.47 1.49 -47.30
C VAL E 256 32.93 0.33 -48.15
N THR E 257 32.25 -0.82 -48.03
CA THR E 257 32.50 -1.95 -48.91
C THR E 257 31.64 -1.93 -50.16
N LEU E 258 30.46 -1.33 -50.12
CA LEU E 258 29.60 -1.24 -51.31
C LEU E 258 29.71 0.09 -52.03
N PHE E 259 29.80 1.21 -51.30
CA PHE E 259 29.88 2.52 -51.94
C PHE E 259 31.26 2.79 -52.53
N GLN E 260 32.30 2.64 -51.72
CA GLN E 260 33.67 2.81 -52.23
C GLN E 260 34.57 1.68 -51.78
N PRO E 261 34.41 0.43 -52.34
CA PRO E 261 35.33 -0.61 -51.80
C PRO E 261 36.80 -0.22 -51.80
N ALA E 262 37.39 -0.15 -50.61
CA ALA E 262 38.80 0.22 -50.51
C ALA E 262 39.57 -0.83 -49.72
N LYS E 267 42.46 -2.78 -42.51
CA LYS E 267 42.84 -4.18 -42.30
C LYS E 267 41.60 -5.08 -42.22
N PRO E 268 41.11 -5.53 -43.39
CA PRO E 268 39.92 -6.39 -43.40
C PRO E 268 40.14 -7.76 -42.80
N LYS E 269 41.36 -8.09 -42.35
CA LYS E 269 41.62 -9.40 -41.79
C LYS E 269 40.86 -9.61 -40.47
N TRP E 270 40.79 -8.56 -39.64
CA TRP E 270 40.11 -8.68 -38.36
C TRP E 270 39.15 -7.53 -38.07
N ALA E 271 39.08 -6.49 -38.92
CA ALA E 271 38.14 -5.40 -38.68
C ALA E 271 36.71 -5.89 -38.75
N MET E 272 36.38 -6.69 -39.77
CA MET E 272 35.04 -7.25 -39.87
C MET E 272 34.72 -8.13 -38.67
N ASN E 273 35.68 -8.95 -38.23
CA ASN E 273 35.44 -9.85 -37.10
C ASN E 273 35.19 -9.06 -35.82
N MET E 274 35.99 -8.01 -35.59
CA MET E 274 35.78 -7.21 -34.38
C MET E 274 34.47 -6.42 -34.47
N ALA E 275 34.06 -6.05 -35.69
CA ALA E 275 32.75 -5.42 -35.85
C ALA E 275 31.63 -6.39 -35.51
N ILE E 276 31.75 -7.64 -35.94
CA ILE E 276 30.75 -8.65 -35.58
C ILE E 276 30.73 -8.87 -34.07
N LEU E 277 31.91 -8.89 -33.45
CA LEU E 277 31.98 -9.07 -32.00
C LEU E 277 31.28 -7.92 -31.28
N LEU E 278 31.55 -6.68 -31.72
CA LEU E 278 30.88 -5.53 -31.10
C LEU E 278 29.38 -5.57 -31.33
N SER E 279 28.93 -6.00 -32.51
CA SER E 279 27.51 -6.08 -32.78
C SER E 279 26.83 -7.15 -31.94
N HIS E 280 27.49 -8.28 -31.72
CA HIS E 280 26.92 -9.34 -30.89
C HIS E 280 27.04 -9.07 -29.40
N ALA E 281 27.93 -8.16 -28.99
CA ALA E 281 28.00 -7.78 -27.59
C ALA E 281 26.80 -6.97 -27.15
N ASN E 282 26.00 -6.47 -28.09
CA ASN E 282 24.79 -5.73 -27.71
C ASN E 282 23.80 -6.62 -26.98
N SER E 283 23.68 -7.89 -27.42
CA SER E 283 22.74 -8.80 -26.80
C SER E 283 23.13 -9.10 -25.35
N VAL E 284 24.42 -9.17 -25.04
CA VAL E 284 24.84 -9.44 -23.68
C VAL E 284 24.89 -8.16 -22.84
N VAL E 285 25.05 -6.99 -23.46
CA VAL E 285 25.05 -5.75 -22.70
C VAL E 285 23.64 -5.21 -22.46
N ASN E 286 22.64 -5.69 -23.20
CA ASN E 286 21.28 -5.22 -22.98
C ASN E 286 20.75 -5.50 -21.58
N PRO E 287 20.92 -6.69 -20.98
CA PRO E 287 20.37 -6.89 -19.63
C PRO E 287 21.00 -5.99 -18.57
N ILE E 288 22.30 -5.70 -18.69
CA ILE E 288 22.97 -4.87 -17.69
C ILE E 288 22.50 -3.43 -17.76
N VAL E 289 22.10 -2.95 -18.93
CA VAL E 289 21.69 -1.55 -19.09
C VAL E 289 20.19 -1.39 -18.87
N TYR E 290 19.38 -2.34 -19.33
CA TYR E 290 17.93 -2.23 -19.26
C TYR E 290 17.36 -2.83 -17.98
N ALA E 291 17.60 -4.12 -17.74
CA ALA E 291 16.97 -4.83 -16.63
C ALA E 291 17.72 -4.62 -15.32
N TYR E 292 19.04 -4.84 -15.33
CA TYR E 292 19.81 -4.78 -14.09
C TYR E 292 19.88 -3.38 -13.50
N ARG E 293 19.39 -2.37 -14.21
CA ARG E 293 19.43 -1.00 -13.71
C ARG E 293 18.09 -0.54 -13.14
N ASN E 294 17.01 -1.26 -13.42
CA ASN E 294 15.70 -0.85 -12.93
C ASN E 294 15.57 -1.10 -11.43
N ARG E 295 14.49 -0.54 -10.85
CA ARG E 295 14.27 -0.67 -9.42
C ARG E 295 13.58 -1.98 -9.07
N ASP E 296 12.50 -2.31 -9.79
CA ASP E 296 11.75 -3.53 -9.49
C ASP E 296 12.60 -4.77 -9.75
N PHE E 297 13.40 -4.76 -10.81
CA PHE E 297 14.25 -5.90 -11.10
C PHE E 297 15.30 -6.10 -10.01
N ARG E 298 15.91 -5.01 -9.55
CA ARG E 298 16.89 -5.11 -8.48
C ARG E 298 16.25 -5.58 -7.18
N TYR E 299 15.02 -5.12 -6.90
CA TYR E 299 14.32 -5.56 -5.72
C TYR E 299 14.01 -7.06 -5.78
N THR E 300 13.56 -7.53 -6.94
CA THR E 300 13.29 -8.96 -7.10
C THR E 300 14.56 -9.78 -6.96
N PHE E 301 15.68 -9.28 -7.52
CA PHE E 301 16.95 -9.98 -7.40
C PHE E 301 17.39 -10.06 -5.94
N HIS E 302 17.29 -8.96 -5.22
CA HIS E 302 17.65 -8.95 -3.81
C HIS E 302 16.77 -9.92 -3.02
N LYS E 303 15.46 -9.96 -3.33
CA LYS E 303 14.58 -10.87 -2.64
C LYS E 303 14.93 -12.34 -2.92
N ILE E 304 15.22 -12.67 -4.17
CA ILE E 304 15.48 -14.08 -4.49
C ILE E 304 16.85 -14.52 -3.97
N ILE E 305 17.81 -13.59 -3.87
CA ILE E 305 19.09 -13.96 -3.30
C ILE E 305 19.06 -13.99 -1.78
N SER E 306 18.15 -13.23 -1.15
CA SER E 306 17.98 -13.34 0.29
C SER E 306 17.20 -14.57 0.68
N ARG E 307 16.25 -15.01 -0.16
CA ARG E 307 15.51 -16.23 0.14
C ARG E 307 16.40 -17.46 0.03
N TYR E 308 17.36 -17.45 -0.91
CA TYR E 308 18.23 -18.59 -1.11
C TYR E 308 19.46 -18.57 -0.22
N LEU E 309 19.73 -17.46 0.47
CA LEU E 309 20.89 -17.37 1.35
C LEU E 309 20.51 -17.71 2.79
C1 CLR F . 2.70 -13.61 -22.44
C2 CLR F . 1.29 -13.18 -22.05
C3 CLR F . 1.25 -11.71 -21.65
C4 CLR F . 1.69 -10.86 -22.83
C5 CLR F . 3.04 -11.34 -23.30
C6 CLR F . 4.06 -10.48 -23.41
C7 CLR F . 5.20 -10.68 -24.38
C8 CLR F . 5.29 -12.13 -24.85
C9 CLR F . 4.68 -13.09 -23.84
C10 CLR F . 3.21 -12.80 -23.62
C11 CLR F . 4.86 -14.55 -24.28
C12 CLR F . 6.26 -14.92 -24.76
C13 CLR F . 6.80 -13.90 -25.75
C14 CLR F . 6.74 -12.54 -25.08
C15 CLR F . 7.62 -11.65 -25.94
C16 CLR F . 8.70 -12.59 -26.47
C17 CLR F . 8.27 -14.01 -26.09
C18 CLR F . 5.99 -13.90 -27.03
C19 CLR F . 2.44 -13.15 -24.88
C20 CLR F . 8.59 -15.03 -27.19
C21 CLR F . 8.96 -16.38 -26.60
C22 CLR F . 9.69 -14.52 -28.10
C23 CLR F . 9.84 -15.42 -29.33
C24 CLR F . 11.26 -15.96 -29.47
C25 CLR F . 11.51 -16.47 -30.87
C26 CLR F . 12.27 -17.80 -30.84
C27 CLR F . 10.22 -16.59 -31.66
O1 CLR F . -0.07 -11.34 -21.26
C1 CLR G . 4.93 -15.12 -17.20
C2 CLR G . 3.49 -14.83 -16.82
C3 CLR G . 3.14 -13.36 -16.98
C4 CLR G . 3.34 -12.93 -18.43
C5 CLR G . 4.72 -13.34 -18.86
C6 CLR G . 5.55 -12.43 -19.41
C7 CLR G . 6.49 -12.82 -20.52
C8 CLR G . 6.87 -14.29 -20.43
C9 CLR G . 6.66 -14.82 -19.01
C10 CLR G . 5.19 -14.75 -18.66
C11 CLR G . 7.21 -16.24 -18.85
C12 CLR G . 8.64 -16.43 -19.38
C13 CLR G . 8.72 -15.95 -20.81
C14 CLR G . 8.32 -14.49 -20.83
C15 CLR G . 8.74 -14.00 -22.20
C16 CLR G . 10.03 -14.78 -22.48
C17 CLR G . 10.10 -15.91 -21.46
C18 CLR G . 7.79 -16.77 -21.71
C19 CLR G . 4.39 -15.69 -19.57
C20 CLR G . 10.52 -17.22 -22.10
C21 CLR G . 11.46 -18.01 -21.21
C22 CLR G . 11.17 -16.96 -23.46
C23 CLR G . 11.85 -18.21 -24.00
C24 CLR G . 13.13 -17.87 -24.76
C25 CLR G . 12.95 -18.08 -26.26
C26 CLR G . 14.29 -18.01 -26.98
C27 CLR G . 12.24 -19.39 -26.56
O1 CLR G . 1.77 -13.14 -16.61
C1 CLR H . 0.41 6.31 -29.09
C2 CLR H . -0.80 7.20 -28.85
C3 CLR H . -1.07 8.05 -30.08
C4 CLR H . -1.49 7.13 -31.21
C5 CLR H . -0.45 6.06 -31.43
C6 CLR H . -0.18 5.73 -32.71
C7 CLR H . 1.13 5.11 -33.13
C8 CLR H . 1.60 4.16 -32.04
C9 CLR H . 1.61 4.88 -30.69
C10 CLR H . 0.23 5.36 -30.28
C11 CLR H . 2.21 4.00 -29.59
C12 CLR H . 3.55 3.36 -29.97
C13 CLR H . 3.45 2.65 -31.29
C14 CLR H . 3.00 3.67 -32.32
C15 CLR H . 3.27 3.04 -33.67
C16 CLR H . 4.55 2.24 -33.42
C17 CLR H . 4.75 2.14 -31.91
C18 CLR H . 2.47 1.49 -31.20
C19 CLR H . -0.62 4.17 -29.85
C20 CLR H . 5.08 0.70 -31.51
C21 CLR H . 6.09 0.64 -30.37
C22 CLR H . 5.62 -0.07 -32.71
C23 CLR H . 7.11 -0.37 -32.52
C24 CLR H . 7.83 -0.31 -33.86
C25 CLR H . 8.68 -1.56 -34.05
C26 CLR H . 8.95 -2.20 -32.70
C27 CLR H . 8.04 -2.55 -35.01
O1 CLR H . -2.11 8.99 -29.79
C1 CLR I . 3.65 8.85 -29.18
C2 CLR I . 2.57 9.76 -28.64
C3 CLR I . 2.98 11.23 -28.74
C4 CLR I . 3.19 11.59 -30.20
C5 CLR I . 4.18 10.61 -30.80
C6 CLR I . 5.26 11.06 -31.46
C7 CLR I . 5.86 10.31 -32.62
C8 CLR I . 5.59 8.81 -32.50
C9 CLR I . 5.22 8.42 -31.08
C10 CLR I . 3.96 9.13 -30.64
C11 CLR I . 5.07 6.90 -30.91
C12 CLR I . 6.21 6.08 -31.53
C13 CLR I . 6.46 6.53 -32.96
C14 CLR I . 6.79 8.00 -32.94
C15 CLR I . 7.37 8.29 -34.32
C16 CLR I . 8.01 6.96 -34.74
C17 CLR I . 7.67 5.95 -33.66
C18 CLR I . 5.23 6.29 -33.84
C19 CLR I . 2.78 8.69 -31.50
C20 CLR I . 7.47 4.53 -34.19
C21 CLR I . 8.26 3.53 -33.37
C22 CLR I . 7.85 4.40 -35.66
C23 CLR I . 8.59 3.08 -35.88
C24 CLR I . 9.14 2.99 -37.30
C25 CLR I . 10.25 1.96 -37.38
C26 CLR I . 9.70 0.55 -37.26
C27 CLR I . 11.04 2.11 -38.68
O1 CLR I . 1.94 12.05 -28.19
C1 CLR J . -3.45 -5.38 -29.96
C2 CLR J . -4.70 -5.98 -29.34
C3 CLR J . -5.39 -4.96 -28.44
C4 CLR J . -5.87 -3.81 -29.33
C5 CLR J . -4.73 -3.24 -30.13
C6 CLR J . -4.63 -1.91 -30.21
C7 CLR J . -3.34 -1.22 -30.59
C8 CLR J . -2.66 -2.05 -31.65
C9 CLR J . -2.44 -3.47 -31.14
C10 CLR J . -3.76 -4.17 -30.84
C11 CLR J . -1.65 -4.30 -32.16
C12 CLR J . -0.38 -3.64 -32.65
C13 CLR J . -0.65 -2.23 -33.14
C14 CLR J . -1.32 -1.45 -32.04
C15 CLR J . -1.32 -0.01 -32.54
C16 CLR J . -0.07 0.07 -33.41
C17 CLR J . 0.55 -1.33 -33.37
C18 CLR J . -1.50 -2.26 -34.41
C19 CLR J . -4.38 -4.64 -32.14
C20 CLR J . 1.44 -1.66 -34.56
C21 CLR J . 2.77 -2.22 -34.07
C22 CLR J . 1.70 -0.45 -35.42
C23 CLR J . 3.13 -0.50 -35.95
C24 CLR J . 3.33 0.49 -37.09
C25 CLR J . 4.80 0.51 -37.52
C26 CLR J . 5.33 1.93 -37.56
C27 CLR J . 5.65 -0.37 -36.62
O1 CLR J . -6.51 -5.57 -27.79
C1 CLR K . 29.07 4.89 -43.88
C2 CLR K . 30.00 4.67 -45.07
C3 CLR K . 29.47 5.08 -46.42
C4 CLR K . 28.91 6.49 -46.39
C5 CLR K . 27.88 6.57 -45.28
C6 CLR K . 26.64 7.01 -45.58
C7 CLR K . 25.55 7.25 -44.56
C8 CLR K . 26.15 7.32 -43.15
C9 CLR K . 27.04 6.08 -42.98
C10 CLR K . 28.30 6.22 -43.86
C11 CLR K . 27.27 5.62 -41.53
C12 CLR K . 26.39 6.16 -40.39
C13 CLR K . 25.70 7.51 -40.64
C14 CLR K . 25.11 7.38 -42.05
C15 CLR K . 24.08 8.49 -42.17
C16 CLR K . 23.64 8.79 -40.75
C17 CLR K . 24.40 7.82 -39.82
C18 CLR K . 26.74 8.64 -40.48
C19 CLR K . 29.26 7.35 -43.43
C20 CLR K . 24.44 8.35 -38.36
C21 CLR K . 25.28 7.45 -37.45
C22 CLR K . 22.99 8.58 -37.83
C23 CLR K . 22.64 8.42 -36.35
C24 CLR K . 23.05 9.61 -35.49
C25 CLR K . 23.31 9.28 -34.01
C26 CLR K . 22.25 8.39 -33.36
C27 CLR K . 24.70 8.69 -33.75
O1 CLR K . 30.53 5.01 -47.38
C1 CLR L . 29.64 3.87 -18.99
C2 CLR L . 29.54 3.73 -17.47
C3 CLR L . 30.14 4.93 -16.77
C4 CLR L . 29.33 6.16 -17.16
C5 CLR L . 29.41 6.35 -18.65
C6 CLR L . 29.73 7.58 -19.12
C7 CLR L . 29.83 7.93 -20.59
C8 CLR L . 29.28 6.82 -21.49
C9 CLR L . 29.74 5.46 -20.93
C10 CLR L . 29.09 5.19 -19.57
C11 CLR L . 29.64 4.30 -21.95
C12 CLR L . 29.96 4.63 -23.40
C13 CLR L . 29.32 5.91 -23.90
C14 CLR L . 29.77 7.00 -22.92
C15 CLR L . 29.40 8.31 -23.59
C16 CLR L . 29.59 8.02 -25.07
C17 CLR L . 29.86 6.51 -25.21
C18 CLR L . 27.79 5.73 -23.97
C19 CLR L . 27.55 5.13 -19.62
C20 CLR L . 29.35 5.94 -26.57
C21 CLR L . 29.59 4.43 -26.71
C22 CLR L . 30.01 6.61 -27.78
C23 CLR L . 29.04 6.71 -28.95
C24 CLR L . 29.78 6.86 -30.27
C25 CLR L . 30.14 5.51 -30.89
C26 CLR L . 29.02 5.01 -31.78
C27 CLR L . 31.45 5.61 -31.66
O1 CLR L . 30.08 4.73 -15.35
N1 I5D M . 21.15 -7.66 -38.99
N3 I5D M . 28.68 -9.92 -44.04
C5 I5D M . 23.51 -6.57 -38.91
C6 I5D M . 21.98 -6.50 -38.71
C8 I5D M . 26.20 -8.21 -42.16
C10 I5D M . 29.95 -12.58 -40.55
C13 I5D M . 32.58 -14.72 -41.33
C15 I5D M . 33.67 -14.90 -42.40
C17 I5D M . 27.16 -12.83 -41.14
C1' I5D M . 25.23 -8.72 -40.07
C11 I5D M . 29.42 -13.78 -40.75
C12 I5D M . 31.14 -15.08 -41.76
C14 I5D M . 33.19 -13.49 -42.04
C16 I5D M . 27.92 -13.92 -41.07
C18 I5D M . 26.98 -9.34 -42.07
C19 I5D M . 27.96 -9.68 -43.21
C2' I5D M . 26.02 -9.86 -39.98
C3' I5D M . 26.89 -10.17 -40.99
C4' I5D M . 27.77 -11.44 -40.90
C5' I5D M . 29.07 -11.32 -40.63
CAA I5D M . 25.91 -10.78 -38.76
N2 I5D M . 25.83 -11.47 -37.86
N9 I5D M . 25.32 -7.91 -41.15
NAA I5D M . 26.29 -7.32 -43.32
O6 I5D M . 21.49 -5.48 -38.32
OP3 I5D M . 30.25 -14.92 -40.67
S1 I5D M . 24.05 -8.31 -38.72
#